data_3TN2
# 
_entry.id   3TN2 
# 
_audit_conform.dict_name       mmcif_pdbx.dic 
_audit_conform.dict_version    5.398 
_audit_conform.dict_location   http://mmcif.pdb.org/dictionaries/ascii/mmcif_pdbx.dic 
# 
loop_
_database_2.database_id 
_database_2.database_code 
_database_2.pdbx_database_accession 
_database_2.pdbx_DOI 
PDB   3TN2         pdb_00003tn2 10.2210/pdb3tn2/pdb 
RCSB  RCSB067675   ?            ?                   
WWPDB D_1000067675 ?            ?                   
# 
loop_
_pdbx_audit_revision_history.ordinal 
_pdbx_audit_revision_history.data_content_type 
_pdbx_audit_revision_history.major_revision 
_pdbx_audit_revision_history.minor_revision 
_pdbx_audit_revision_history.revision_date 
1 'Structure model' 1 0 2012-09-05 
2 'Structure model' 1 1 2015-05-13 
3 'Structure model' 1 2 2018-08-22 
4 'Structure model' 1 3 2024-11-06 
# 
_pdbx_audit_revision_details.ordinal             1 
_pdbx_audit_revision_details.revision_ordinal    1 
_pdbx_audit_revision_details.data_content_type   'Structure model' 
_pdbx_audit_revision_details.provider            repository 
_pdbx_audit_revision_details.type                'Initial release' 
_pdbx_audit_revision_details.description         ? 
_pdbx_audit_revision_details.details             ? 
# 
loop_
_pdbx_audit_revision_group.ordinal 
_pdbx_audit_revision_group.revision_ordinal 
_pdbx_audit_revision_group.data_content_type 
_pdbx_audit_revision_group.group 
1 2 'Structure model' 'Database references'  
2 3 'Structure model' 'Data collection'      
3 3 'Structure model' 'Database references'  
4 3 'Structure model' 'Source and taxonomy'  
5 3 'Structure model' 'Structure summary'    
6 4 'Structure model' 'Data collection'      
7 4 'Structure model' 'Database references'  
8 4 'Structure model' 'Derived calculations' 
9 4 'Structure model' 'Structure summary'    
# 
loop_
_pdbx_audit_revision_category.ordinal 
_pdbx_audit_revision_category.revision_ordinal 
_pdbx_audit_revision_category.data_content_type 
_pdbx_audit_revision_category.category 
1  3 'Structure model' entity                    
2  3 'Structure model' entity_name_com           
3  3 'Structure model' entity_src_gen            
4  3 'Structure model' entity_src_nat            
5  3 'Structure model' struct_ref_seq_dif        
6  4 'Structure model' chem_comp_atom            
7  4 'Structure model' chem_comp_bond            
8  4 'Structure model' database_2                
9  4 'Structure model' pdbx_entry_details        
10 4 'Structure model' pdbx_modification_feature 
11 4 'Structure model' pdbx_struct_conn_angle    
12 4 'Structure model' struct_conn               
13 4 'Structure model' struct_site               
# 
loop_
_pdbx_audit_revision_item.ordinal 
_pdbx_audit_revision_item.revision_ordinal 
_pdbx_audit_revision_item.data_content_type 
_pdbx_audit_revision_item.item 
1  3 'Structure model' '_entity.src_method'                          
2  3 'Structure model' '_entity_name_com.name'                       
3  3 'Structure model' '_struct_ref_seq_dif.details'                 
4  4 'Structure model' '_database_2.pdbx_DOI'                        
5  4 'Structure model' '_database_2.pdbx_database_accession'         
6  4 'Structure model' '_pdbx_struct_conn_angle.ptnr1_auth_comp_id'  
7  4 'Structure model' '_pdbx_struct_conn_angle.ptnr1_auth_seq_id'   
8  4 'Structure model' '_pdbx_struct_conn_angle.ptnr1_label_asym_id' 
9  4 'Structure model' '_pdbx_struct_conn_angle.ptnr1_label_atom_id' 
10 4 'Structure model' '_pdbx_struct_conn_angle.ptnr1_label_comp_id' 
11 4 'Structure model' '_pdbx_struct_conn_angle.ptnr1_label_seq_id'  
12 4 'Structure model' '_pdbx_struct_conn_angle.ptnr3_auth_comp_id'  
13 4 'Structure model' '_pdbx_struct_conn_angle.ptnr3_auth_seq_id'   
14 4 'Structure model' '_pdbx_struct_conn_angle.ptnr3_label_asym_id' 
15 4 'Structure model' '_pdbx_struct_conn_angle.ptnr3_label_atom_id' 
16 4 'Structure model' '_pdbx_struct_conn_angle.ptnr3_label_comp_id' 
17 4 'Structure model' '_pdbx_struct_conn_angle.ptnr3_label_seq_id'  
18 4 'Structure model' '_pdbx_struct_conn_angle.value'               
19 4 'Structure model' '_struct_conn.pdbx_dist_value'                
20 4 'Structure model' '_struct_conn.ptnr1_auth_comp_id'             
21 4 'Structure model' '_struct_conn.ptnr1_auth_seq_id'              
22 4 'Structure model' '_struct_conn.ptnr1_label_asym_id'            
23 4 'Structure model' '_struct_conn.ptnr1_label_atom_id'            
24 4 'Structure model' '_struct_conn.ptnr1_label_comp_id'            
25 4 'Structure model' '_struct_conn.ptnr1_label_seq_id'             
26 4 'Structure model' '_struct_conn.ptnr2_auth_comp_id'             
27 4 'Structure model' '_struct_conn.ptnr2_auth_seq_id'              
28 4 'Structure model' '_struct_conn.ptnr2_label_asym_id'            
29 4 'Structure model' '_struct_conn.ptnr2_label_atom_id'            
30 4 'Structure model' '_struct_conn.ptnr2_label_comp_id'            
31 4 'Structure model' '_struct_site.pdbx_auth_asym_id'              
32 4 'Structure model' '_struct_site.pdbx_auth_comp_id'              
33 4 'Structure model' '_struct_site.pdbx_auth_seq_id'               
# 
_pdbx_database_status.status_code                     REL 
_pdbx_database_status.entry_id                        3TN2 
_pdbx_database_status.recvd_initial_deposition_date   2011-09-01 
_pdbx_database_status.deposit_site                    RCSB 
_pdbx_database_status.process_site                    RCSB 
_pdbx_database_status.status_code_sf                  REL 
_pdbx_database_status.status_code_mr                  ? 
_pdbx_database_status.SG_entry                        ? 
_pdbx_database_status.status_code_cs                  ? 
_pdbx_database_status.pdb_format_compatible           Y 
_pdbx_database_status.methods_development_category    ? 
_pdbx_database_status.status_code_nmr_data            ? 
# 
_pdbx_database_related.db_name        PDB 
_pdbx_database_related.db_id          3TN1 
_pdbx_database_related.details        . 
_pdbx_database_related.content_type   unspecified 
# 
loop_
_audit_author.name 
_audit_author.pdbx_ordinal 
'Guo, Q.'    1 
'Tang, W.J.' 2 
# 
_citation.id                        primary 
_citation.title                     
;Structures of human CCL18, CCL3, and CCL4 reveal molecular determinants for quaternary structures and sensitivity to insulin-degrading enzyme.
;
_citation.journal_abbrev            J.Mol.Biol. 
_citation.journal_volume            427 
_citation.page_first                1345 
_citation.page_last                 1358 
_citation.year                      2015 
_citation.journal_id_ASTM           JMOBAK 
_citation.country                   UK 
_citation.journal_id_ISSN           0022-2836 
_citation.journal_id_CSD            0070 
_citation.book_publisher            ? 
_citation.pdbx_database_id_PubMed   25636406 
_citation.pdbx_database_id_DOI      10.1016/j.jmb.2015.01.012 
# 
loop_
_citation_author.citation_id 
_citation_author.name 
_citation_author.ordinal 
_citation_author.identifier_ORCID 
primary 'Liang, W.G.' 1 ? 
primary 'Ren, M.'     2 ? 
primary 'Zhao, F.'    3 ? 
primary 'Tang, W.J.'  4 ? 
# 
loop_
_entity.id 
_entity.type 
_entity.src_method 
_entity.pdbx_description 
_entity.formula_weight 
_entity.pdbx_number_of_molecules 
_entity.pdbx_ec 
_entity.pdbx_mutation 
_entity.pdbx_fragment 
_entity.details 
1 polymer     man 'C-C motif chemokine 4' 7684.602 1  ? P8A 'MIP-1-beta(3-69) (UNP residues 24-91)' ? 
2 non-polymer syn 'ZINC ION'              65.409   3  ? ?   ?                                       ? 
3 water       nat water                   18.015   60 ? ?   ?                                       ? 
# 
_entity_name_com.entity_id   1 
_entity_name_com.name        
;G-26 T-lymphocyte-secreted protein,HC21,Lymphocyte activation gene 1 protein,LAG-1,MIP-1-beta(1-69),Macrophage inflammatory protein 1-beta,MIP-1-beta,PAT 744,Protein H400,SIS-gamma,Small-inducible cytokine A4,T-cell activation protein 2,ACT-2
;
# 
_entity_poly.entity_id                      1 
_entity_poly.type                           'polypeptide(L)' 
_entity_poly.nstd_linkage                   no 
_entity_poly.nstd_monomer                   no 
_entity_poly.pdbx_seq_one_letter_code       APMGSDPATACCFSYTARKLPRNFVVDYYETSSLCSQPAVVFQTKRSKQVCADPSESWVQEYVYDLEL 
_entity_poly.pdbx_seq_one_letter_code_can   APMGSDPATACCFSYTARKLPRNFVVDYYETSSLCSQPAVVFQTKRSKQVCADPSESWVQEYVYDLEL 
_entity_poly.pdbx_strand_id                 A 
_entity_poly.pdbx_target_identifier         ? 
# 
loop_
_pdbx_entity_nonpoly.entity_id 
_pdbx_entity_nonpoly.name 
_pdbx_entity_nonpoly.comp_id 
2 'ZINC ION' ZN  
3 water      HOH 
# 
loop_
_entity_poly_seq.entity_id 
_entity_poly_seq.num 
_entity_poly_seq.mon_id 
_entity_poly_seq.hetero 
1 1  ALA n 
1 2  PRO n 
1 3  MET n 
1 4  GLY n 
1 5  SER n 
1 6  ASP n 
1 7  PRO n 
1 8  ALA n 
1 9  THR n 
1 10 ALA n 
1 11 CYS n 
1 12 CYS n 
1 13 PHE n 
1 14 SER n 
1 15 TYR n 
1 16 THR n 
1 17 ALA n 
1 18 ARG n 
1 19 LYS n 
1 20 LEU n 
1 21 PRO n 
1 22 ARG n 
1 23 ASN n 
1 24 PHE n 
1 25 VAL n 
1 26 VAL n 
1 27 ASP n 
1 28 TYR n 
1 29 TYR n 
1 30 GLU n 
1 31 THR n 
1 32 SER n 
1 33 SER n 
1 34 LEU n 
1 35 CYS n 
1 36 SER n 
1 37 GLN n 
1 38 PRO n 
1 39 ALA n 
1 40 VAL n 
1 41 VAL n 
1 42 PHE n 
1 43 GLN n 
1 44 THR n 
1 45 LYS n 
1 46 ARG n 
1 47 SER n 
1 48 LYS n 
1 49 GLN n 
1 50 VAL n 
1 51 CYS n 
1 52 ALA n 
1 53 ASP n 
1 54 PRO n 
1 55 SER n 
1 56 GLU n 
1 57 SER n 
1 58 TRP n 
1 59 VAL n 
1 60 GLN n 
1 61 GLU n 
1 62 TYR n 
1 63 VAL n 
1 64 TYR n 
1 65 ASP n 
1 66 LEU n 
1 67 GLU n 
1 68 LEU n 
# 
_entity_src_gen.entity_id                          1 
_entity_src_gen.pdbx_src_id                        1 
_entity_src_gen.pdbx_alt_source_flag               sample 
_entity_src_gen.pdbx_seq_type                      'Biological sequence' 
_entity_src_gen.pdbx_beg_seq_num                   1 
_entity_src_gen.pdbx_end_seq_num                   68 
_entity_src_gen.gene_src_common_name               Human 
_entity_src_gen.gene_src_genus                     ? 
_entity_src_gen.pdbx_gene_src_gene                 'CCL4, LAG1, MIP1B, SCYA4' 
_entity_src_gen.gene_src_species                   ? 
_entity_src_gen.gene_src_strain                    ? 
_entity_src_gen.gene_src_tissue                    ? 
_entity_src_gen.gene_src_tissue_fraction           ? 
_entity_src_gen.gene_src_details                   ? 
_entity_src_gen.pdbx_gene_src_fragment             ? 
_entity_src_gen.pdbx_gene_src_scientific_name      'Homo sapiens' 
_entity_src_gen.pdbx_gene_src_ncbi_taxonomy_id     9606 
_entity_src_gen.pdbx_gene_src_variant              ? 
_entity_src_gen.pdbx_gene_src_cell_line            ? 
_entity_src_gen.pdbx_gene_src_atcc                 ? 
_entity_src_gen.pdbx_gene_src_organ                ? 
_entity_src_gen.pdbx_gene_src_organelle            ? 
_entity_src_gen.pdbx_gene_src_cell                 ? 
_entity_src_gen.pdbx_gene_src_cellular_location    ? 
_entity_src_gen.host_org_common_name               ? 
_entity_src_gen.pdbx_host_org_scientific_name      'Escherichia coli BL21(DE3)' 
_entity_src_gen.pdbx_host_org_ncbi_taxonomy_id     469008 
_entity_src_gen.host_org_genus                     ? 
_entity_src_gen.pdbx_host_org_gene                 ? 
_entity_src_gen.pdbx_host_org_organ                ? 
_entity_src_gen.host_org_species                   ? 
_entity_src_gen.pdbx_host_org_tissue               ? 
_entity_src_gen.pdbx_host_org_tissue_fraction      ? 
_entity_src_gen.pdbx_host_org_strain               ? 
_entity_src_gen.pdbx_host_org_variant              ? 
_entity_src_gen.pdbx_host_org_cell_line            ? 
_entity_src_gen.pdbx_host_org_atcc                 ? 
_entity_src_gen.pdbx_host_org_culture_collection   ? 
_entity_src_gen.pdbx_host_org_cell                 ? 
_entity_src_gen.pdbx_host_org_organelle            ? 
_entity_src_gen.pdbx_host_org_cellular_location    ? 
_entity_src_gen.pdbx_host_org_vector_type          plasmid 
_entity_src_gen.pdbx_host_org_vector               ? 
_entity_src_gen.host_org_details                   ? 
_entity_src_gen.expression_system_id               ? 
_entity_src_gen.plasmid_name                       pET32 
_entity_src_gen.plasmid_details                    ? 
_entity_src_gen.pdbx_description                   ? 
# 
loop_
_chem_comp.id 
_chem_comp.type 
_chem_comp.mon_nstd_flag 
_chem_comp.name 
_chem_comp.pdbx_synonyms 
_chem_comp.formula 
_chem_comp.formula_weight 
ALA 'L-peptide linking' y ALANINE         ? 'C3 H7 N O2'     89.093  
ARG 'L-peptide linking' y ARGININE        ? 'C6 H15 N4 O2 1' 175.209 
ASN 'L-peptide linking' y ASPARAGINE      ? 'C4 H8 N2 O3'    132.118 
ASP 'L-peptide linking' y 'ASPARTIC ACID' ? 'C4 H7 N O4'     133.103 
CYS 'L-peptide linking' y CYSTEINE        ? 'C3 H7 N O2 S'   121.158 
GLN 'L-peptide linking' y GLUTAMINE       ? 'C5 H10 N2 O3'   146.144 
GLU 'L-peptide linking' y 'GLUTAMIC ACID' ? 'C5 H9 N O4'     147.129 
GLY 'peptide linking'   y GLYCINE         ? 'C2 H5 N O2'     75.067  
HOH non-polymer         . WATER           ? 'H2 O'           18.015  
LEU 'L-peptide linking' y LEUCINE         ? 'C6 H13 N O2'    131.173 
LYS 'L-peptide linking' y LYSINE          ? 'C6 H15 N2 O2 1' 147.195 
MET 'L-peptide linking' y METHIONINE      ? 'C5 H11 N O2 S'  149.211 
PHE 'L-peptide linking' y PHENYLALANINE   ? 'C9 H11 N O2'    165.189 
PRO 'L-peptide linking' y PROLINE         ? 'C5 H9 N O2'     115.130 
SER 'L-peptide linking' y SERINE          ? 'C3 H7 N O3'     105.093 
THR 'L-peptide linking' y THREONINE       ? 'C4 H9 N O3'     119.119 
TRP 'L-peptide linking' y TRYPTOPHAN      ? 'C11 H12 N2 O2'  204.225 
TYR 'L-peptide linking' y TYROSINE        ? 'C9 H11 N O3'    181.189 
VAL 'L-peptide linking' y VALINE          ? 'C5 H11 N O2'    117.146 
ZN  non-polymer         . 'ZINC ION'      ? 'Zn 2'           65.409  
# 
loop_
_pdbx_poly_seq_scheme.asym_id 
_pdbx_poly_seq_scheme.entity_id 
_pdbx_poly_seq_scheme.seq_id 
_pdbx_poly_seq_scheme.mon_id 
_pdbx_poly_seq_scheme.ndb_seq_num 
_pdbx_poly_seq_scheme.pdb_seq_num 
_pdbx_poly_seq_scheme.auth_seq_num 
_pdbx_poly_seq_scheme.pdb_mon_id 
_pdbx_poly_seq_scheme.auth_mon_id 
_pdbx_poly_seq_scheme.pdb_strand_id 
_pdbx_poly_seq_scheme.pdb_ins_code 
_pdbx_poly_seq_scheme.hetero 
A 1 1  ALA 1  1  1  ALA ALA A . n 
A 1 2  PRO 2  2  2  PRO PRO A . n 
A 1 3  MET 3  3  3  MET MET A . n 
A 1 4  GLY 4  4  4  GLY GLY A . n 
A 1 5  SER 5  5  5  SER SER A . n 
A 1 6  ASP 6  6  6  ASP ASP A . n 
A 1 7  PRO 7  7  7  PRO PRO A . n 
A 1 8  ALA 8  8  8  ALA ALA A . n 
A 1 9  THR 9  9  9  THR THR A . n 
A 1 10 ALA 10 10 10 ALA ALA A . n 
A 1 11 CYS 11 11 11 CYS CYS A . n 
A 1 12 CYS 12 12 12 CYS CYS A . n 
A 1 13 PHE 13 13 13 PHE PHE A . n 
A 1 14 SER 14 14 14 SER SER A . n 
A 1 15 TYR 15 15 15 TYR TYR A . n 
A 1 16 THR 16 16 16 THR THR A . n 
A 1 17 ALA 17 17 17 ALA ALA A . n 
A 1 18 ARG 18 18 18 ARG ARG A . n 
A 1 19 LYS 19 19 19 LYS LYS A . n 
A 1 20 LEU 20 20 20 LEU LEU A . n 
A 1 21 PRO 21 21 21 PRO PRO A . n 
A 1 22 ARG 22 22 22 ARG ARG A . n 
A 1 23 ASN 23 23 23 ASN ASN A . n 
A 1 24 PHE 24 24 24 PHE PHE A . n 
A 1 25 VAL 25 25 25 VAL VAL A . n 
A 1 26 VAL 26 26 26 VAL VAL A . n 
A 1 27 ASP 27 27 27 ASP ASP A . n 
A 1 28 TYR 28 28 28 TYR TYR A . n 
A 1 29 TYR 29 29 29 TYR TYR A . n 
A 1 30 GLU 30 30 30 GLU GLU A . n 
A 1 31 THR 31 31 31 THR THR A . n 
A 1 32 SER 32 32 32 SER SER A . n 
A 1 33 SER 33 33 33 SER SER A . n 
A 1 34 LEU 34 34 34 LEU LEU A . n 
A 1 35 CYS 35 35 35 CYS CYS A . n 
A 1 36 SER 36 36 36 SER SER A . n 
A 1 37 GLN 37 37 37 GLN GLN A . n 
A 1 38 PRO 38 38 38 PRO PRO A . n 
A 1 39 ALA 39 39 39 ALA ALA A . n 
A 1 40 VAL 40 40 40 VAL VAL A . n 
A 1 41 VAL 41 41 41 VAL VAL A . n 
A 1 42 PHE 42 42 42 PHE PHE A . n 
A 1 43 GLN 43 43 43 GLN GLN A . n 
A 1 44 THR 44 44 44 THR THR A . n 
A 1 45 LYS 45 45 45 LYS LYS A . n 
A 1 46 ARG 46 46 46 ARG ARG A . n 
A 1 47 SER 47 47 47 SER SER A . n 
A 1 48 LYS 48 48 48 LYS LYS A . n 
A 1 49 GLN 49 49 49 GLN GLN A . n 
A 1 50 VAL 50 50 50 VAL VAL A . n 
A 1 51 CYS 51 51 51 CYS CYS A . n 
A 1 52 ALA 52 52 52 ALA ALA A . n 
A 1 53 ASP 53 53 53 ASP ASP A . n 
A 1 54 PRO 54 54 54 PRO PRO A . n 
A 1 55 SER 55 55 55 SER SER A . n 
A 1 56 GLU 56 56 56 GLU GLU A . n 
A 1 57 SER 57 57 57 SER SER A . n 
A 1 58 TRP 58 58 58 TRP TRP A . n 
A 1 59 VAL 59 59 59 VAL VAL A . n 
A 1 60 GLN 60 60 60 GLN GLN A . n 
A 1 61 GLU 61 61 61 GLU GLU A . n 
A 1 62 TYR 62 62 62 TYR TYR A . n 
A 1 63 VAL 63 63 63 VAL VAL A . n 
A 1 64 TYR 64 64 64 TYR TYR A . n 
A 1 65 ASP 65 65 65 ASP ASP A . n 
A 1 66 LEU 66 66 66 LEU LEU A . n 
A 1 67 GLU 67 67 67 GLU GLU A . n 
A 1 68 LEU 68 68 68 LEU LEU A . n 
# 
loop_
_pdbx_nonpoly_scheme.asym_id 
_pdbx_nonpoly_scheme.entity_id 
_pdbx_nonpoly_scheme.mon_id 
_pdbx_nonpoly_scheme.ndb_seq_num 
_pdbx_nonpoly_scheme.pdb_seq_num 
_pdbx_nonpoly_scheme.auth_seq_num 
_pdbx_nonpoly_scheme.pdb_mon_id 
_pdbx_nonpoly_scheme.auth_mon_id 
_pdbx_nonpoly_scheme.pdb_strand_id 
_pdbx_nonpoly_scheme.pdb_ins_code 
B 2 ZN  1  69  1  ZN  ZN  A . 
C 2 ZN  1  70  2  ZN  ZN  A . 
D 2 ZN  1  71  3  ZN  ZN  A . 
E 3 HOH 1  72  1  HOH HOH A . 
E 3 HOH 2  73  73 HOH HOH A . 
E 3 HOH 3  74  74 HOH HOH A . 
E 3 HOH 4  75  75 HOH HOH A . 
E 3 HOH 5  76  2  HOH HOH A . 
E 3 HOH 6  77  77 HOH HOH A . 
E 3 HOH 7  78  3  HOH HOH A . 
E 3 HOH 8  79  4  HOH HOH A . 
E 3 HOH 9  80  5  HOH HOH A . 
E 3 HOH 10 81  6  HOH HOH A . 
E 3 HOH 11 82  7  HOH HOH A . 
E 3 HOH 12 83  83 HOH HOH A . 
E 3 HOH 13 84  84 HOH HOH A . 
E 3 HOH 14 85  8  HOH HOH A . 
E 3 HOH 15 86  9  HOH HOH A . 
E 3 HOH 16 87  10 HOH HOH A . 
E 3 HOH 17 88  11 HOH HOH A . 
E 3 HOH 18 89  12 HOH HOH A . 
E 3 HOH 19 90  13 HOH HOH A . 
E 3 HOH 20 91  14 HOH HOH A . 
E 3 HOH 21 92  15 HOH HOH A . 
E 3 HOH 22 93  16 HOH HOH A . 
E 3 HOH 23 94  17 HOH HOH A . 
E 3 HOH 24 95  19 HOH HOH A . 
E 3 HOH 25 96  21 HOH HOH A . 
E 3 HOH 26 97  22 HOH HOH A . 
E 3 HOH 27 98  23 HOH HOH A . 
E 3 HOH 28 99  24 HOH HOH A . 
E 3 HOH 29 100 25 HOH HOH A . 
E 3 HOH 30 101 26 HOH HOH A . 
E 3 HOH 31 102 27 HOH HOH A . 
E 3 HOH 32 103 28 HOH HOH A . 
E 3 HOH 33 104 29 HOH HOH A . 
E 3 HOH 34 105 30 HOH HOH A . 
E 3 HOH 35 106 31 HOH HOH A . 
E 3 HOH 36 107 32 HOH HOH A . 
E 3 HOH 37 108 35 HOH HOH A . 
E 3 HOH 38 109 36 HOH HOH A . 
E 3 HOH 39 110 37 HOH HOH A . 
E 3 HOH 40 111 38 HOH HOH A . 
E 3 HOH 41 112 40 HOH HOH A . 
E 3 HOH 42 113 45 HOH HOH A . 
E 3 HOH 43 114 46 HOH HOH A . 
E 3 HOH 44 115 47 HOH HOH A . 
E 3 HOH 45 116 48 HOH HOH A . 
E 3 HOH 46 117 49 HOH HOH A . 
E 3 HOH 47 118 50 HOH HOH A . 
E 3 HOH 48 119 52 HOH HOH A . 
E 3 HOH 49 120 53 HOH HOH A . 
E 3 HOH 50 121 54 HOH HOH A . 
E 3 HOH 51 122 55 HOH HOH A . 
E 3 HOH 52 123 56 HOH HOH A . 
E 3 HOH 53 124 57 HOH HOH A . 
E 3 HOH 54 125 58 HOH HOH A . 
E 3 HOH 55 126 59 HOH HOH A . 
E 3 HOH 56 127 60 HOH HOH A . 
E 3 HOH 57 128 62 HOH HOH A . 
E 3 HOH 58 129 63 HOH HOH A . 
E 3 HOH 59 130 64 HOH HOH A . 
E 3 HOH 60 131 68 HOH HOH A . 
# 
loop_
_software.name 
_software.classification 
_software.version 
_software.citation_id 
_software.pdbx_ordinal 
HKL-3000 'data collection' .        ? 1 
PHASES   phasing           .        ? 2 
REFMAC   refinement        5.5.0109 ? 3 
HKL-3000 'data reduction'  .        ? 4 
HKL-3000 'data scaling'    .        ? 5 
# 
_cell.entry_id           3TN2 
_cell.length_a           51.062 
_cell.length_b           36.972 
_cell.length_c           31.061 
_cell.angle_alpha        90.00 
_cell.angle_beta         108.54 
_cell.angle_gamma        90.00 
_cell.Z_PDB              4 
_cell.pdbx_unique_axis   ? 
_cell.length_a_esd       ? 
_cell.length_b_esd       ? 
_cell.length_c_esd       ? 
_cell.angle_alpha_esd    ? 
_cell.angle_beta_esd     ? 
_cell.angle_gamma_esd    ? 
# 
_symmetry.entry_id                         3TN2 
_symmetry.space_group_name_H-M             'C 1 2 1' 
_symmetry.pdbx_full_space_group_name_H-M   ? 
_symmetry.cell_setting                     ? 
_symmetry.Int_Tables_number                5 
_symmetry.space_group_name_Hall            ? 
# 
_exptl.entry_id          3TN2 
_exptl.method            'X-RAY DIFFRACTION' 
_exptl.crystals_number   1 
# 
_exptl_crystal.id                    1 
_exptl_crystal.density_meas          ? 
_exptl_crystal.density_Matthews      1.81 
_exptl_crystal.density_percent_sol   31.99 
_exptl_crystal.description           ? 
_exptl_crystal.F_000                 ? 
_exptl_crystal.preparation           ? 
# 
_exptl_crystal_grow.crystal_id      1 
_exptl_crystal_grow.method          EVAPORATION 
_exptl_crystal_grow.temp            298 
_exptl_crystal_grow.temp_details    ? 
_exptl_crystal_grow.pH              5.5 
_exptl_crystal_grow.pdbx_details    '15% v/v ethanol, 0.1 M MES, pH 5.5, 0.2 M zinc acetate, EVAPORATION, temperature 298K' 
_exptl_crystal_grow.pdbx_pH_range   ? 
# 
_diffrn.id                     1 
_diffrn.ambient_temp           ? 
_diffrn.ambient_temp_details   ? 
_diffrn.crystal_id             1 
# 
_diffrn_detector.diffrn_id              1 
_diffrn_detector.detector               CCD 
_diffrn_detector.type                   'ADSC QUANTUM 315' 
_diffrn_detector.pdbx_collection_date   ? 
_diffrn_detector.details                ? 
# 
_diffrn_radiation.diffrn_id                        1 
_diffrn_radiation.wavelength_id                    1 
_diffrn_radiation.pdbx_monochromatic_or_laue_m_l   M 
_diffrn_radiation.monochromator                    'Rosenbaum-Rock double-crystal Si(111)' 
_diffrn_radiation.pdbx_diffrn_protocol             'SINGLE WAVELENGTH' 
_diffrn_radiation.pdbx_scattering_type             x-ray 
# 
_diffrn_radiation_wavelength.id           1 
_diffrn_radiation_wavelength.wavelength   0.9793 
_diffrn_radiation_wavelength.wt           1.0 
# 
_diffrn_source.diffrn_id                   1 
_diffrn_source.source                      SYNCHROTRON 
_diffrn_source.type                        'APS BEAMLINE 19-ID' 
_diffrn_source.pdbx_synchrotron_site       APS 
_diffrn_source.pdbx_synchrotron_beamline   19-ID 
_diffrn_source.pdbx_wavelength             ? 
_diffrn_source.pdbx_wavelength_list        0.9793 
# 
_reflns.entry_id                     3TN2 
_reflns.observed_criterion_sigma_I   1 
_reflns.observed_criterion_sigma_F   1 
_reflns.d_resolution_low             30 
_reflns.d_resolution_high            1.6 
_reflns.number_obs                   6611 
_reflns.number_all                   6944 
_reflns.percent_possible_obs         95.2 
_reflns.pdbx_Rmerge_I_obs            ? 
_reflns.pdbx_Rsym_value              ? 
_reflns.pdbx_netI_over_sigmaI        ? 
_reflns.B_iso_Wilson_estimate        ? 
_reflns.pdbx_redundancy              ? 
_reflns.R_free_details               ? 
_reflns.limit_h_max                  ? 
_reflns.limit_h_min                  ? 
_reflns.limit_k_max                  ? 
_reflns.limit_k_min                  ? 
_reflns.limit_l_max                  ? 
_reflns.limit_l_min                  ? 
_reflns.observed_criterion_F_max     ? 
_reflns.observed_criterion_F_min     ? 
_reflns.pdbx_chi_squared             ? 
_reflns.pdbx_scaling_rejects         ? 
_reflns.pdbx_ordinal                 1 
_reflns.pdbx_diffrn_id               1 
# 
_reflns_shell.d_res_high             1.6 
_reflns_shell.d_res_low              ? 
_reflns_shell.percent_possible_all   95.4 
_reflns_shell.Rmerge_I_obs           ? 
_reflns_shell.pdbx_Rsym_value        ? 
_reflns_shell.meanI_over_sigI_obs    ? 
_reflns_shell.pdbx_redundancy        ? 
_reflns_shell.percent_possible_obs   ? 
_reflns_shell.number_unique_all      ? 
_reflns_shell.number_measured_all    ? 
_reflns_shell.number_measured_obs    ? 
_reflns_shell.number_unique_obs      ? 
_reflns_shell.pdbx_chi_squared       ? 
_reflns_shell.pdbx_ordinal           1 
_reflns_shell.pdbx_diffrn_id         1 
# 
_refine.entry_id                                 3TN2 
_refine.ls_number_reflns_obs                     6611 
_refine.ls_number_reflns_all                     6944 
_refine.pdbx_ls_sigma_I                          ? 
_refine.pdbx_ls_sigma_F                          ? 
_refine.pdbx_data_cutoff_high_absF               ? 
_refine.pdbx_data_cutoff_low_absF                ? 
_refine.pdbx_data_cutoff_high_rms_absF           ? 
_refine.ls_d_res_low                             29.45 
_refine.ls_d_res_high                            1.60 
_refine.ls_percent_reflns_obs                    95.22 
_refine.ls_R_factor_obs                          0.15927 
_refine.ls_R_factor_all                          ? 
_refine.ls_R_factor_R_work                       0.15720 
_refine.ls_R_factor_R_free                       0.19909 
_refine.ls_R_factor_R_free_error                 ? 
_refine.ls_R_factor_R_free_error_details         ? 
_refine.ls_percent_reflns_R_free                 4.7 
_refine.ls_number_reflns_R_free                  326 
_refine.ls_number_parameters                     ? 
_refine.ls_number_restraints                     ? 
_refine.occupancy_min                            ? 
_refine.occupancy_max                            ? 
_refine.correlation_coeff_Fo_to_Fc               0.970 
_refine.correlation_coeff_Fo_to_Fc_free          0.952 
_refine.B_iso_mean                               18.907 
_refine.aniso_B[1][1]                            2.82 
_refine.aniso_B[2][2]                            -1.79 
_refine.aniso_B[3][3]                            -0.25 
_refine.aniso_B[1][2]                            0.00 
_refine.aniso_B[1][3]                            1.23 
_refine.aniso_B[2][3]                            0.00 
_refine.solvent_model_details                    MASK 
_refine.solvent_model_param_ksol                 ? 
_refine.solvent_model_param_bsol                 ? 
_refine.pdbx_solvent_vdw_probe_radii             1.40 
_refine.pdbx_solvent_ion_probe_radii             0.80 
_refine.pdbx_solvent_shrinkage_radii             0.80 
_refine.pdbx_ls_cross_valid_method               THROUGHOUT 
_refine.details                                  
;HYDROGENS HAVE BEEN ADDED IN THE RIDING POSITIONS 
U VALUES      : REFINED INDIVIDUALLY
;
_refine.pdbx_starting_model                      ? 
_refine.pdbx_method_to_determine_struct          'MOLECULAR REPLACEMENT' 
_refine.pdbx_isotropic_thermal_model             ? 
_refine.pdbx_stereochemistry_target_values       'MAXIMUM LIKELIHOOD' 
_refine.pdbx_stereochem_target_val_spec_case     ? 
_refine.pdbx_R_Free_selection_details            RANDOM 
_refine.pdbx_overall_ESU_R_Free                  0.099 
_refine.overall_SU_ML                            0.069 
_refine.pdbx_overall_phase_error                 ? 
_refine.overall_SU_B                             2.026 
_refine.overall_SU_R_Cruickshank_DPI             ? 
_refine.ls_redundancy_reflns_obs                 ? 
_refine.B_iso_min                                ? 
_refine.B_iso_max                                ? 
_refine.overall_SU_R_free                        ? 
_refine.ls_wR_factor_R_free                      ? 
_refine.ls_wR_factor_R_work                      ? 
_refine.overall_FOM_free_R_set                   ? 
_refine.overall_FOM_work_R_set                   ? 
_refine.pdbx_diffrn_id                           1 
_refine.pdbx_refine_id                           'X-RAY DIFFRACTION' 
_refine.pdbx_overall_ESU_R                       0.098 
_refine.pdbx_TLS_residual_ADP_flag               ? 
_refine.pdbx_overall_SU_R_free_Cruickshank_DPI   ? 
_refine.pdbx_overall_SU_R_Blow_DPI               ? 
_refine.pdbx_overall_SU_R_free_Blow_DPI          ? 
# 
_refine_hist.pdbx_refine_id                   'X-RAY DIFFRACTION' 
_refine_hist.cycle_id                         LAST 
_refine_hist.pdbx_number_atoms_protein        537 
_refine_hist.pdbx_number_atoms_nucleic_acid   0 
_refine_hist.pdbx_number_atoms_ligand         3 
_refine_hist.number_atoms_solvent             60 
_refine_hist.number_atoms_total               600 
_refine_hist.d_res_high                       1.60 
_refine_hist.d_res_low                        29.45 
# 
loop_
_refine_ls_restr.type 
_refine_ls_restr.dev_ideal 
_refine_ls_restr.dev_ideal_target 
_refine_ls_restr.weight 
_refine_ls_restr.number 
_refine_ls_restr.pdbx_restraint_function 
_refine_ls_restr.pdbx_refine_id 
r_bond_refined_d       0.023  0.022  ? 553 ? 'X-RAY DIFFRACTION' 
r_angle_refined_deg    2.074  1.958  ? 755 ? 'X-RAY DIFFRACTION' 
r_dihedral_angle_1_deg 6.269  5.000  ? 67  ? 'X-RAY DIFFRACTION' 
r_dihedral_angle_2_deg 30.883 24.000 ? 25  ? 'X-RAY DIFFRACTION' 
r_dihedral_angle_3_deg 12.016 15.000 ? 85  ? 'X-RAY DIFFRACTION' 
r_dihedral_angle_4_deg 12.650 15.000 ? 3   ? 'X-RAY DIFFRACTION' 
r_chiral_restr         0.134  0.200  ? 82  ? 'X-RAY DIFFRACTION' 
r_gen_planes_refined   0.011  0.021  ? 426 ? 'X-RAY DIFFRACTION' 
r_mcbond_it            1.314  1.500  ? 343 ? 'X-RAY DIFFRACTION' 
r_mcangle_it           2.004  2.000  ? 558 ? 'X-RAY DIFFRACTION' 
r_scbond_it            3.101  3.000  ? 210 ? 'X-RAY DIFFRACTION' 
r_scangle_it           4.851  4.500  ? 197 ? 'X-RAY DIFFRACTION' 
# 
_refine_ls_shell.pdbx_total_number_of_bins_used   20 
_refine_ls_shell.d_res_high                       1.60 
_refine_ls_shell.d_res_low                        1.646 
_refine_ls_shell.number_reflns_R_work             433 
_refine_ls_shell.R_factor_R_work                  0.194 
_refine_ls_shell.percent_reflns_obs               85.07 
_refine_ls_shell.R_factor_R_free                  0.267 
_refine_ls_shell.R_factor_R_free_error            ? 
_refine_ls_shell.percent_reflns_R_free            ? 
_refine_ls_shell.number_reflns_R_free             23 
_refine_ls_shell.number_reflns_all                ? 
_refine_ls_shell.R_factor_all                     ? 
_refine_ls_shell.number_reflns_obs                ? 
_refine_ls_shell.redundancy_reflns_obs            ? 
_refine_ls_shell.pdbx_refine_id                   'X-RAY DIFFRACTION' 
# 
_struct.entry_id                  3TN2 
_struct.title                     'structure analysis of MIP1-beta P8A' 
_struct.pdbx_model_details        ? 
_struct.pdbx_CASP_flag            ? 
_struct.pdbx_model_type_details   ? 
# 
_struct_keywords.entry_id        3TN2 
_struct_keywords.pdbx_keywords   CYTOKINE 
_struct_keywords.text            CYTOKINE 
# 
loop_
_struct_asym.id 
_struct_asym.pdbx_blank_PDB_chainid_flag 
_struct_asym.pdbx_modified 
_struct_asym.entity_id 
_struct_asym.details 
A N N 1 ? 
B N N 2 ? 
C N N 2 ? 
D N N 2 ? 
E N N 3 ? 
# 
_struct_ref.id                         1 
_struct_ref.db_name                    UNP 
_struct_ref.db_code                    CCL4_HUMAN 
_struct_ref.pdbx_db_accession          P13236 
_struct_ref.pdbx_db_isoform            ? 
_struct_ref.entity_id                  1 
_struct_ref.pdbx_seq_one_letter_code   APMGSDPPTACCFSYTARKLPRNFVVDYYETSSLCSQPAVVFQTKRSKQVCADPSESWVQEYVYDLEL 
_struct_ref.pdbx_align_begin           24 
# 
_struct_ref_seq.align_id                      1 
_struct_ref_seq.ref_id                        1 
_struct_ref_seq.pdbx_PDB_id_code              3TN2 
_struct_ref_seq.pdbx_strand_id                A 
_struct_ref_seq.seq_align_beg                 1 
_struct_ref_seq.pdbx_seq_align_beg_ins_code   ? 
_struct_ref_seq.seq_align_end                 68 
_struct_ref_seq.pdbx_seq_align_end_ins_code   ? 
_struct_ref_seq.pdbx_db_accession             P13236 
_struct_ref_seq.db_align_beg                  24 
_struct_ref_seq.pdbx_db_align_beg_ins_code    ? 
_struct_ref_seq.db_align_end                  91 
_struct_ref_seq.pdbx_db_align_end_ins_code    ? 
_struct_ref_seq.pdbx_auth_seq_align_beg       1 
_struct_ref_seq.pdbx_auth_seq_align_end       68 
# 
_struct_ref_seq_dif.align_id                     1 
_struct_ref_seq_dif.pdbx_pdb_id_code             3TN2 
_struct_ref_seq_dif.mon_id                       ALA 
_struct_ref_seq_dif.pdbx_pdb_strand_id           A 
_struct_ref_seq_dif.seq_num                      8 
_struct_ref_seq_dif.pdbx_pdb_ins_code            ? 
_struct_ref_seq_dif.pdbx_seq_db_name             UNP 
_struct_ref_seq_dif.pdbx_seq_db_accession_code   P13236 
_struct_ref_seq_dif.db_mon_id                    PRO 
_struct_ref_seq_dif.pdbx_seq_db_seq_num          31 
_struct_ref_seq_dif.details                      'engineered mutation' 
_struct_ref_seq_dif.pdbx_auth_seq_num            8 
_struct_ref_seq_dif.pdbx_ordinal                 1 
# 
loop_
_pdbx_struct_assembly.id 
_pdbx_struct_assembly.details 
_pdbx_struct_assembly.method_details 
_pdbx_struct_assembly.oligomeric_details 
_pdbx_struct_assembly.oligomeric_count 
1 author_defined_assembly   ?    monomeric 1 
2 software_defined_assembly PISA dimeric   2 
# 
loop_
_pdbx_struct_assembly_prop.biol_id 
_pdbx_struct_assembly_prop.type 
_pdbx_struct_assembly_prop.value 
_pdbx_struct_assembly_prop.details 
2 'ABSA (A^2)' 1540 ? 
2 MORE         -210 ? 
2 'SSA (A^2)'  8060 ? 
# 
loop_
_pdbx_struct_assembly_gen.assembly_id 
_pdbx_struct_assembly_gen.oper_expression 
_pdbx_struct_assembly_gen.asym_id_list 
1 1   A,B,C,D,E 
2 1,2 A,B,C,D,E 
# 
loop_
_pdbx_struct_oper_list.id 
_pdbx_struct_oper_list.type 
_pdbx_struct_oper_list.name 
_pdbx_struct_oper_list.symmetry_operation 
_pdbx_struct_oper_list.matrix[1][1] 
_pdbx_struct_oper_list.matrix[1][2] 
_pdbx_struct_oper_list.matrix[1][3] 
_pdbx_struct_oper_list.vector[1] 
_pdbx_struct_oper_list.matrix[2][1] 
_pdbx_struct_oper_list.matrix[2][2] 
_pdbx_struct_oper_list.matrix[2][3] 
_pdbx_struct_oper_list.vector[2] 
_pdbx_struct_oper_list.matrix[3][1] 
_pdbx_struct_oper_list.matrix[3][2] 
_pdbx_struct_oper_list.matrix[3][3] 
_pdbx_struct_oper_list.vector[3] 
1 'identity operation'         1_555 x,y,z   1.0000000000  0.0000000000 0.0000000000  0.0000000000   0.0000000000 1.0000000000 0.0000000000  0.0000000000  0.0000000000  0.0000000000  1.0000000000  0.0000000000   
2 'crystal symmetry operation' 2_555 -x,y,-z -0.9952968115 0.0830618860 -0.0498495743 -14.7184018418 0.0830618860 0.4669360896 -0.8803814010 -7.0712725631 -0.0498495743 -0.8803814010 -0.4716392781 -13.1711586871 
# 
_struct_biol.id        1 
_struct_biol.details   ? 
# 
loop_
_struct_conf.conf_type_id 
_struct_conf.id 
_struct_conf.pdbx_PDB_helix_id 
_struct_conf.beg_label_comp_id 
_struct_conf.beg_label_asym_id 
_struct_conf.beg_label_seq_id 
_struct_conf.pdbx_beg_PDB_ins_code 
_struct_conf.end_label_comp_id 
_struct_conf.end_label_asym_id 
_struct_conf.end_label_seq_id 
_struct_conf.pdbx_end_PDB_ins_code 
_struct_conf.beg_auth_comp_id 
_struct_conf.beg_auth_asym_id 
_struct_conf.beg_auth_seq_id 
_struct_conf.end_auth_comp_id 
_struct_conf.end_auth_asym_id 
_struct_conf.end_auth_seq_id 
_struct_conf.pdbx_PDB_helix_class 
_struct_conf.details 
_struct_conf.pdbx_PDB_helix_length 
HELX_P HELX_P1 1 PRO A 21 ? ASN A 23 ? PRO A 21 ASN A 23 5 ? 3  
HELX_P HELX_P2 2 GLU A 56 ? LEU A 68 ? GLU A 56 LEU A 68 1 ? 13 
# 
_struct_conf_type.id          HELX_P 
_struct_conf_type.criteria    ? 
_struct_conf_type.reference   ? 
# 
loop_
_struct_conn.id 
_struct_conn.conn_type_id 
_struct_conn.pdbx_leaving_atom_flag 
_struct_conn.pdbx_PDB_id 
_struct_conn.ptnr1_label_asym_id 
_struct_conn.ptnr1_label_comp_id 
_struct_conn.ptnr1_label_seq_id 
_struct_conn.ptnr1_label_atom_id 
_struct_conn.pdbx_ptnr1_label_alt_id 
_struct_conn.pdbx_ptnr1_PDB_ins_code 
_struct_conn.pdbx_ptnr1_standard_comp_id 
_struct_conn.ptnr1_symmetry 
_struct_conn.ptnr2_label_asym_id 
_struct_conn.ptnr2_label_comp_id 
_struct_conn.ptnr2_label_seq_id 
_struct_conn.ptnr2_label_atom_id 
_struct_conn.pdbx_ptnr2_label_alt_id 
_struct_conn.pdbx_ptnr2_PDB_ins_code 
_struct_conn.ptnr1_auth_asym_id 
_struct_conn.ptnr1_auth_comp_id 
_struct_conn.ptnr1_auth_seq_id 
_struct_conn.ptnr2_auth_asym_id 
_struct_conn.ptnr2_auth_comp_id 
_struct_conn.ptnr2_auth_seq_id 
_struct_conn.ptnr2_symmetry 
_struct_conn.pdbx_ptnr3_label_atom_id 
_struct_conn.pdbx_ptnr3_label_seq_id 
_struct_conn.pdbx_ptnr3_label_comp_id 
_struct_conn.pdbx_ptnr3_label_asym_id 
_struct_conn.pdbx_ptnr3_label_alt_id 
_struct_conn.pdbx_ptnr3_PDB_ins_code 
_struct_conn.details 
_struct_conn.pdbx_dist_value 
_struct_conn.pdbx_value_order 
_struct_conn.pdbx_role 
disulf1 disulf ? ? A CYS 11 SG  ? ? ? 1_555 A CYS 35 SG ? ? A CYS 11 A CYS 35  1_555 ? ? ? ? ? ? ? 2.061 ? ? 
disulf2 disulf ? ? A CYS 12 SG  ? ? ? 1_555 A CYS 51 SG ? ? A CYS 12 A CYS 51  1_555 ? ? ? ? ? ? ? 2.105 ? ? 
metalc1 metalc ? ? A ASP 27 OD2 ? ? ? 1_555 B ZN  .  ZN ? ? A ASP 27 A ZN  69  1_555 ? ? ? ? ? ? ? 1.834 ? ? 
metalc2 metalc ? ? A ASP 27 OD1 ? ? ? 1_555 B ZN  .  ZN ? ? A ASP 27 A ZN  69  1_555 ? ? ? ? ? ? ? 2.666 ? ? 
metalc3 metalc ? ? A GLU 61 OE2 ? ? ? 1_555 C ZN  .  ZN ? ? A GLU 61 A ZN  70  1_555 ? ? ? ? ? ? ? 2.041 ? ? 
metalc4 metalc ? ? B ZN  .  ZN  ? ? ? 1_555 E HOH .  O  ? ? A ZN  69 A HOH 105 1_555 ? ? ? ? ? ? ? 1.876 ? ? 
metalc5 metalc ? ? B ZN  .  ZN  ? ? ? 1_555 E HOH .  O  ? ? A ZN  69 A HOH 106 1_555 ? ? ? ? ? ? ? 1.826 ? ? 
metalc6 metalc ? ? B ZN  .  ZN  ? ? ? 1_555 E HOH .  O  ? ? A ZN  69 A HOH 107 1_555 ? ? ? ? ? ? ? 2.482 ? ? 
metalc7 metalc ? ? C ZN  .  ZN  ? ? ? 1_555 E HOH .  O  ? ? A ZN  70 A HOH 74  1_555 ? ? ? ? ? ? ? 2.183 ? ? 
metalc8 metalc ? ? C ZN  .  ZN  ? ? ? 1_555 E HOH .  O  ? ? A ZN  70 A HOH 75  1_555 ? ? ? ? ? ? ? 2.228 ? ? 
metalc9 metalc ? ? C ZN  .  ZN  ? ? ? 1_555 E HOH .  O  ? ? A ZN  70 A HOH 108 1_555 ? ? ? ? ? ? ? 2.260 ? ? 
# 
loop_
_struct_conn_type.id 
_struct_conn_type.criteria 
_struct_conn_type.reference 
disulf ? ? 
metalc ? ? 
# 
loop_
_pdbx_struct_conn_angle.id 
_pdbx_struct_conn_angle.ptnr1_label_atom_id 
_pdbx_struct_conn_angle.ptnr1_label_alt_id 
_pdbx_struct_conn_angle.ptnr1_label_asym_id 
_pdbx_struct_conn_angle.ptnr1_label_comp_id 
_pdbx_struct_conn_angle.ptnr1_label_seq_id 
_pdbx_struct_conn_angle.ptnr1_auth_atom_id 
_pdbx_struct_conn_angle.ptnr1_auth_asym_id 
_pdbx_struct_conn_angle.ptnr1_auth_comp_id 
_pdbx_struct_conn_angle.ptnr1_auth_seq_id 
_pdbx_struct_conn_angle.ptnr1_PDB_ins_code 
_pdbx_struct_conn_angle.ptnr1_symmetry 
_pdbx_struct_conn_angle.ptnr2_label_atom_id 
_pdbx_struct_conn_angle.ptnr2_label_alt_id 
_pdbx_struct_conn_angle.ptnr2_label_asym_id 
_pdbx_struct_conn_angle.ptnr2_label_comp_id 
_pdbx_struct_conn_angle.ptnr2_label_seq_id 
_pdbx_struct_conn_angle.ptnr2_auth_atom_id 
_pdbx_struct_conn_angle.ptnr2_auth_asym_id 
_pdbx_struct_conn_angle.ptnr2_auth_comp_id 
_pdbx_struct_conn_angle.ptnr2_auth_seq_id 
_pdbx_struct_conn_angle.ptnr2_PDB_ins_code 
_pdbx_struct_conn_angle.ptnr2_symmetry 
_pdbx_struct_conn_angle.ptnr3_label_atom_id 
_pdbx_struct_conn_angle.ptnr3_label_alt_id 
_pdbx_struct_conn_angle.ptnr3_label_asym_id 
_pdbx_struct_conn_angle.ptnr3_label_comp_id 
_pdbx_struct_conn_angle.ptnr3_label_seq_id 
_pdbx_struct_conn_angle.ptnr3_auth_atom_id 
_pdbx_struct_conn_angle.ptnr3_auth_asym_id 
_pdbx_struct_conn_angle.ptnr3_auth_comp_id 
_pdbx_struct_conn_angle.ptnr3_auth_seq_id 
_pdbx_struct_conn_angle.ptnr3_PDB_ins_code 
_pdbx_struct_conn_angle.ptnr3_symmetry 
_pdbx_struct_conn_angle.value 
_pdbx_struct_conn_angle.value_esd 
1  OD2 ? A ASP 27 ? A ASP 27  ? 1_555 ZN ? B ZN . ? A ZN 69 ? 1_555 OD1 ? A ASP 27 ? A ASP 27  ? 1_555 53.8  ? 
2  OD2 ? A ASP 27 ? A ASP 27  ? 1_555 ZN ? B ZN . ? A ZN 69 ? 1_555 O   ? E HOH .  ? A HOH 105 ? 1_555 141.3 ? 
3  OD1 ? A ASP 27 ? A ASP 27  ? 1_555 ZN ? B ZN . ? A ZN 69 ? 1_555 O   ? E HOH .  ? A HOH 105 ? 1_555 87.9  ? 
4  OD2 ? A ASP 27 ? A ASP 27  ? 1_555 ZN ? B ZN . ? A ZN 69 ? 1_555 O   ? E HOH .  ? A HOH 106 ? 1_555 92.7  ? 
5  OD1 ? A ASP 27 ? A ASP 27  ? 1_555 ZN ? B ZN . ? A ZN 69 ? 1_555 O   ? E HOH .  ? A HOH 106 ? 1_555 123.5 ? 
6  O   ? E HOH .  ? A HOH 105 ? 1_555 ZN ? B ZN . ? A ZN 69 ? 1_555 O   ? E HOH .  ? A HOH 106 ? 1_555 107.0 ? 
7  OD2 ? A ASP 27 ? A ASP 27  ? 1_555 ZN ? B ZN . ? A ZN 69 ? 1_555 O   ? E HOH .  ? A HOH 107 ? 1_555 98.0  ? 
8  OD1 ? A ASP 27 ? A ASP 27  ? 1_555 ZN ? B ZN . ? A ZN 69 ? 1_555 O   ? E HOH .  ? A HOH 107 ? 1_555 82.9  ? 
9  O   ? E HOH .  ? A HOH 105 ? 1_555 ZN ? B ZN . ? A ZN 69 ? 1_555 O   ? E HOH .  ? A HOH 107 ? 1_555 79.9  ? 
10 O   ? E HOH .  ? A HOH 106 ? 1_555 ZN ? B ZN . ? A ZN 69 ? 1_555 O   ? E HOH .  ? A HOH 107 ? 1_555 152.3 ? 
11 OE2 ? A GLU 61 ? A GLU 61  ? 1_555 ZN ? C ZN . ? A ZN 70 ? 1_555 O   ? E HOH .  ? A HOH 74  ? 1_555 108.4 ? 
12 OE2 ? A GLU 61 ? A GLU 61  ? 1_555 ZN ? C ZN . ? A ZN 70 ? 1_555 O   ? E HOH .  ? A HOH 75  ? 1_555 111.3 ? 
13 O   ? E HOH .  ? A HOH 74  ? 1_555 ZN ? C ZN . ? A ZN 70 ? 1_555 O   ? E HOH .  ? A HOH 75  ? 1_555 117.9 ? 
14 OE2 ? A GLU 61 ? A GLU 61  ? 1_555 ZN ? C ZN . ? A ZN 70 ? 1_555 O   ? E HOH .  ? A HOH 108 ? 1_555 99.4  ? 
15 O   ? E HOH .  ? A HOH 74  ? 1_555 ZN ? C ZN . ? A ZN 70 ? 1_555 O   ? E HOH .  ? A HOH 108 ? 1_555 111.4 ? 
16 O   ? E HOH .  ? A HOH 75  ? 1_555 ZN ? C ZN . ? A ZN 70 ? 1_555 O   ? E HOH .  ? A HOH 108 ? 1_555 107.0 ? 
# 
loop_
_pdbx_modification_feature.ordinal 
_pdbx_modification_feature.label_comp_id 
_pdbx_modification_feature.label_asym_id 
_pdbx_modification_feature.label_seq_id 
_pdbx_modification_feature.label_alt_id 
_pdbx_modification_feature.modified_residue_label_comp_id 
_pdbx_modification_feature.modified_residue_label_asym_id 
_pdbx_modification_feature.modified_residue_label_seq_id 
_pdbx_modification_feature.modified_residue_label_alt_id 
_pdbx_modification_feature.auth_comp_id 
_pdbx_modification_feature.auth_asym_id 
_pdbx_modification_feature.auth_seq_id 
_pdbx_modification_feature.PDB_ins_code 
_pdbx_modification_feature.symmetry 
_pdbx_modification_feature.modified_residue_auth_comp_id 
_pdbx_modification_feature.modified_residue_auth_asym_id 
_pdbx_modification_feature.modified_residue_auth_seq_id 
_pdbx_modification_feature.modified_residue_PDB_ins_code 
_pdbx_modification_feature.modified_residue_symmetry 
_pdbx_modification_feature.comp_id_linking_atom 
_pdbx_modification_feature.modified_residue_id_linking_atom 
_pdbx_modification_feature.modified_residue_id 
_pdbx_modification_feature.ref_pcm_id 
_pdbx_modification_feature.ref_comp_id 
_pdbx_modification_feature.type 
_pdbx_modification_feature.category 
1 CYS A 11 ? CYS A 35 ? CYS A 11 ? 1_555 CYS A 35 ? 1_555 SG SG . . . None 'Disulfide bridge' 
2 CYS A 12 ? CYS A 51 ? CYS A 12 ? 1_555 CYS A 51 ? 1_555 SG SG . . . None 'Disulfide bridge' 
# 
_struct_sheet.id               A 
_struct_sheet.type             ? 
_struct_sheet.number_strands   3 
_struct_sheet.details          ? 
# 
loop_
_struct_sheet_order.sheet_id 
_struct_sheet_order.range_id_1 
_struct_sheet_order.range_id_2 
_struct_sheet_order.offset 
_struct_sheet_order.sense 
A 1 2 ? anti-parallel 
A 2 3 ? anti-parallel 
# 
loop_
_struct_sheet_range.sheet_id 
_struct_sheet_range.id 
_struct_sheet_range.beg_label_comp_id 
_struct_sheet_range.beg_label_asym_id 
_struct_sheet_range.beg_label_seq_id 
_struct_sheet_range.pdbx_beg_PDB_ins_code 
_struct_sheet_range.end_label_comp_id 
_struct_sheet_range.end_label_asym_id 
_struct_sheet_range.end_label_seq_id 
_struct_sheet_range.pdbx_end_PDB_ins_code 
_struct_sheet_range.beg_auth_comp_id 
_struct_sheet_range.beg_auth_asym_id 
_struct_sheet_range.beg_auth_seq_id 
_struct_sheet_range.end_auth_comp_id 
_struct_sheet_range.end_auth_asym_id 
_struct_sheet_range.end_auth_seq_id 
A 1 VAL A 25 ? GLU A 30 ? VAL A 25 GLU A 30 
A 2 VAL A 40 ? THR A 44 ? VAL A 40 THR A 44 
A 3 GLN A 49 ? ALA A 52 ? GLN A 49 ALA A 52 
# 
loop_
_pdbx_struct_sheet_hbond.sheet_id 
_pdbx_struct_sheet_hbond.range_id_1 
_pdbx_struct_sheet_hbond.range_id_2 
_pdbx_struct_sheet_hbond.range_1_label_atom_id 
_pdbx_struct_sheet_hbond.range_1_label_comp_id 
_pdbx_struct_sheet_hbond.range_1_label_asym_id 
_pdbx_struct_sheet_hbond.range_1_label_seq_id 
_pdbx_struct_sheet_hbond.range_1_PDB_ins_code 
_pdbx_struct_sheet_hbond.range_1_auth_atom_id 
_pdbx_struct_sheet_hbond.range_1_auth_comp_id 
_pdbx_struct_sheet_hbond.range_1_auth_asym_id 
_pdbx_struct_sheet_hbond.range_1_auth_seq_id 
_pdbx_struct_sheet_hbond.range_2_label_atom_id 
_pdbx_struct_sheet_hbond.range_2_label_comp_id 
_pdbx_struct_sheet_hbond.range_2_label_asym_id 
_pdbx_struct_sheet_hbond.range_2_label_seq_id 
_pdbx_struct_sheet_hbond.range_2_PDB_ins_code 
_pdbx_struct_sheet_hbond.range_2_auth_atom_id 
_pdbx_struct_sheet_hbond.range_2_auth_comp_id 
_pdbx_struct_sheet_hbond.range_2_auth_asym_id 
_pdbx_struct_sheet_hbond.range_2_auth_seq_id 
A 1 2 N TYR A 29 ? N TYR A 29 O VAL A 41 ? O VAL A 41 
A 2 3 N PHE A 42 ? N PHE A 42 O VAL A 50 ? O VAL A 50 
# 
loop_
_struct_site.id 
_struct_site.pdbx_evidence_code 
_struct_site.pdbx_auth_asym_id 
_struct_site.pdbx_auth_comp_id 
_struct_site.pdbx_auth_seq_id 
_struct_site.pdbx_auth_ins_code 
_struct_site.pdbx_num_residues 
_struct_site.details 
AC1 Software A ZN 69 ? 8 'BINDING SITE FOR RESIDUE ZN A 69' 
AC2 Software A ZN 70 ? 4 'BINDING SITE FOR RESIDUE ZN A 70' 
AC3 Software A ZN 71 ? 1 'BINDING SITE FOR RESIDUE ZN A 71' 
# 
loop_
_struct_site_gen.id 
_struct_site_gen.site_id 
_struct_site_gen.pdbx_num_res 
_struct_site_gen.label_comp_id 
_struct_site_gen.label_asym_id 
_struct_site_gen.label_seq_id 
_struct_site_gen.pdbx_auth_ins_code 
_struct_site_gen.auth_comp_id 
_struct_site_gen.auth_asym_id 
_struct_site_gen.auth_seq_id 
_struct_site_gen.label_atom_id 
_struct_site_gen.label_alt_id 
_struct_site_gen.symmetry 
_struct_site_gen.details 
1  AC1 8 ASP A 27 ? ASP A 27  . ? 2_555 ? 
2  AC1 8 ASP A 27 ? ASP A 27  . ? 1_555 ? 
3  AC1 8 HOH E .  ? HOH A 105 . ? 1_555 ? 
4  AC1 8 HOH E .  ? HOH A 105 . ? 2_555 ? 
5  AC1 8 HOH E .  ? HOH A 106 . ? 2_555 ? 
6  AC1 8 HOH E .  ? HOH A 106 . ? 1_555 ? 
7  AC1 8 HOH E .  ? HOH A 107 . ? 1_555 ? 
8  AC1 8 HOH E .  ? HOH A 107 . ? 2_555 ? 
9  AC2 4 GLU A 61 ? GLU A 61  . ? 1_555 ? 
10 AC2 4 HOH E .  ? HOH A 74  . ? 1_555 ? 
11 AC2 4 HOH E .  ? HOH A 75  . ? 1_555 ? 
12 AC2 4 HOH E .  ? HOH A 108 . ? 1_555 ? 
13 AC3 1 GLU A 67 ? GLU A 67  . ? 1_555 ? 
# 
_pdbx_entry_details.entry_id                   3TN2 
_pdbx_entry_details.compound_details           ? 
_pdbx_entry_details.source_details             ? 
_pdbx_entry_details.nonpolymer_details         ? 
_pdbx_entry_details.sequence_details           ? 
_pdbx_entry_details.has_ligand_of_interest     ? 
_pdbx_entry_details.has_protein_modification   Y 
# 
_pdbx_validate_close_contact.id               1 
_pdbx_validate_close_contact.PDB_model_num    1 
_pdbx_validate_close_contact.auth_atom_id_1   C 
_pdbx_validate_close_contact.auth_asym_id_1   A 
_pdbx_validate_close_contact.auth_comp_id_1   LEU 
_pdbx_validate_close_contact.auth_seq_id_1    68 
_pdbx_validate_close_contact.PDB_ins_code_1   ? 
_pdbx_validate_close_contact.label_alt_id_1   ? 
_pdbx_validate_close_contact.auth_atom_id_2   O 
_pdbx_validate_close_contact.auth_asym_id_2   A 
_pdbx_validate_close_contact.auth_comp_id_2   HOH 
_pdbx_validate_close_contact.auth_seq_id_2    83 
_pdbx_validate_close_contact.PDB_ins_code_2   ? 
_pdbx_validate_close_contact.label_alt_id_2   ? 
_pdbx_validate_close_contact.dist             1.48 
# 
_pdbx_validate_symm_contact.id                1 
_pdbx_validate_symm_contact.PDB_model_num     1 
_pdbx_validate_symm_contact.auth_atom_id_1    N 
_pdbx_validate_symm_contact.auth_asym_id_1    A 
_pdbx_validate_symm_contact.auth_comp_id_1    ALA 
_pdbx_validate_symm_contact.auth_seq_id_1     1 
_pdbx_validate_symm_contact.PDB_ins_code_1    ? 
_pdbx_validate_symm_contact.label_alt_id_1    ? 
_pdbx_validate_symm_contact.site_symmetry_1   1_555 
_pdbx_validate_symm_contact.auth_atom_id_2    OE1 
_pdbx_validate_symm_contact.auth_asym_id_2    A 
_pdbx_validate_symm_contact.auth_comp_id_2    GLU 
_pdbx_validate_symm_contact.auth_seq_id_2     30 
_pdbx_validate_symm_contact.PDB_ins_code_2    ? 
_pdbx_validate_symm_contact.label_alt_id_2    ? 
_pdbx_validate_symm_contact.site_symmetry_2   4_555 
_pdbx_validate_symm_contact.dist              2.11 
# 
loop_
_pdbx_validate_rmsd_bond.id 
_pdbx_validate_rmsd_bond.PDB_model_num 
_pdbx_validate_rmsd_bond.auth_atom_id_1 
_pdbx_validate_rmsd_bond.auth_asym_id_1 
_pdbx_validate_rmsd_bond.auth_comp_id_1 
_pdbx_validate_rmsd_bond.auth_seq_id_1 
_pdbx_validate_rmsd_bond.PDB_ins_code_1 
_pdbx_validate_rmsd_bond.label_alt_id_1 
_pdbx_validate_rmsd_bond.auth_atom_id_2 
_pdbx_validate_rmsd_bond.auth_asym_id_2 
_pdbx_validate_rmsd_bond.auth_comp_id_2 
_pdbx_validate_rmsd_bond.auth_seq_id_2 
_pdbx_validate_rmsd_bond.PDB_ins_code_2 
_pdbx_validate_rmsd_bond.label_alt_id_2 
_pdbx_validate_rmsd_bond.bond_value 
_pdbx_validate_rmsd_bond.bond_target_value 
_pdbx_validate_rmsd_bond.bond_deviation 
_pdbx_validate_rmsd_bond.bond_standard_deviation 
_pdbx_validate_rmsd_bond.linker_flag 
1 1 N   A ALA 1  ? ? CA  A ALA 1  ? ? 1.583 1.459 0.124 0.020 N 
2 1 CE2 A TYR 64 ? ? CD2 A TYR 64 ? ? 1.479 1.389 0.090 0.015 N 
# 
_pdbx_validate_rmsd_angle.id                         1 
_pdbx_validate_rmsd_angle.PDB_model_num              1 
_pdbx_validate_rmsd_angle.auth_atom_id_1             NE 
_pdbx_validate_rmsd_angle.auth_asym_id_1             A 
_pdbx_validate_rmsd_angle.auth_comp_id_1             ARG 
_pdbx_validate_rmsd_angle.auth_seq_id_1              18 
_pdbx_validate_rmsd_angle.PDB_ins_code_1             ? 
_pdbx_validate_rmsd_angle.label_alt_id_1             ? 
_pdbx_validate_rmsd_angle.auth_atom_id_2             CZ 
_pdbx_validate_rmsd_angle.auth_asym_id_2             A 
_pdbx_validate_rmsd_angle.auth_comp_id_2             ARG 
_pdbx_validate_rmsd_angle.auth_seq_id_2              18 
_pdbx_validate_rmsd_angle.PDB_ins_code_2             ? 
_pdbx_validate_rmsd_angle.label_alt_id_2             ? 
_pdbx_validate_rmsd_angle.auth_atom_id_3             NH2 
_pdbx_validate_rmsd_angle.auth_asym_id_3             A 
_pdbx_validate_rmsd_angle.auth_comp_id_3             ARG 
_pdbx_validate_rmsd_angle.auth_seq_id_3              18 
_pdbx_validate_rmsd_angle.PDB_ins_code_3             ? 
_pdbx_validate_rmsd_angle.label_alt_id_3             ? 
_pdbx_validate_rmsd_angle.angle_value                116.45 
_pdbx_validate_rmsd_angle.angle_target_value         120.30 
_pdbx_validate_rmsd_angle.angle_deviation            -3.85 
_pdbx_validate_rmsd_angle.angle_standard_deviation   0.50 
_pdbx_validate_rmsd_angle.linker_flag                N 
# 
_pdbx_struct_special_symmetry.id              1 
_pdbx_struct_special_symmetry.PDB_model_num   1 
_pdbx_struct_special_symmetry.auth_asym_id    A 
_pdbx_struct_special_symmetry.auth_comp_id    HOH 
_pdbx_struct_special_symmetry.auth_seq_id     105 
_pdbx_struct_special_symmetry.PDB_ins_code    ? 
_pdbx_struct_special_symmetry.label_asym_id   E 
_pdbx_struct_special_symmetry.label_comp_id   HOH 
_pdbx_struct_special_symmetry.label_seq_id    . 
# 
loop_
_chem_comp_atom.comp_id 
_chem_comp_atom.atom_id 
_chem_comp_atom.type_symbol 
_chem_comp_atom.pdbx_aromatic_flag 
_chem_comp_atom.pdbx_stereo_config 
_chem_comp_atom.pdbx_ordinal 
ALA N    N  N N 1   
ALA CA   C  N S 2   
ALA C    C  N N 3   
ALA O    O  N N 4   
ALA CB   C  N N 5   
ALA OXT  O  N N 6   
ALA H    H  N N 7   
ALA H2   H  N N 8   
ALA HA   H  N N 9   
ALA HB1  H  N N 10  
ALA HB2  H  N N 11  
ALA HB3  H  N N 12  
ALA HXT  H  N N 13  
ARG N    N  N N 14  
ARG CA   C  N S 15  
ARG C    C  N N 16  
ARG O    O  N N 17  
ARG CB   C  N N 18  
ARG CG   C  N N 19  
ARG CD   C  N N 20  
ARG NE   N  N N 21  
ARG CZ   C  N N 22  
ARG NH1  N  N N 23  
ARG NH2  N  N N 24  
ARG OXT  O  N N 25  
ARG H    H  N N 26  
ARG H2   H  N N 27  
ARG HA   H  N N 28  
ARG HB2  H  N N 29  
ARG HB3  H  N N 30  
ARG HG2  H  N N 31  
ARG HG3  H  N N 32  
ARG HD2  H  N N 33  
ARG HD3  H  N N 34  
ARG HE   H  N N 35  
ARG HH11 H  N N 36  
ARG HH12 H  N N 37  
ARG HH21 H  N N 38  
ARG HH22 H  N N 39  
ARG HXT  H  N N 40  
ASN N    N  N N 41  
ASN CA   C  N S 42  
ASN C    C  N N 43  
ASN O    O  N N 44  
ASN CB   C  N N 45  
ASN CG   C  N N 46  
ASN OD1  O  N N 47  
ASN ND2  N  N N 48  
ASN OXT  O  N N 49  
ASN H    H  N N 50  
ASN H2   H  N N 51  
ASN HA   H  N N 52  
ASN HB2  H  N N 53  
ASN HB3  H  N N 54  
ASN HD21 H  N N 55  
ASN HD22 H  N N 56  
ASN HXT  H  N N 57  
ASP N    N  N N 58  
ASP CA   C  N S 59  
ASP C    C  N N 60  
ASP O    O  N N 61  
ASP CB   C  N N 62  
ASP CG   C  N N 63  
ASP OD1  O  N N 64  
ASP OD2  O  N N 65  
ASP OXT  O  N N 66  
ASP H    H  N N 67  
ASP H2   H  N N 68  
ASP HA   H  N N 69  
ASP HB2  H  N N 70  
ASP HB3  H  N N 71  
ASP HD2  H  N N 72  
ASP HXT  H  N N 73  
CYS N    N  N N 74  
CYS CA   C  N R 75  
CYS C    C  N N 76  
CYS O    O  N N 77  
CYS CB   C  N N 78  
CYS SG   S  N N 79  
CYS OXT  O  N N 80  
CYS H    H  N N 81  
CYS H2   H  N N 82  
CYS HA   H  N N 83  
CYS HB2  H  N N 84  
CYS HB3  H  N N 85  
CYS HG   H  N N 86  
CYS HXT  H  N N 87  
GLN N    N  N N 88  
GLN CA   C  N S 89  
GLN C    C  N N 90  
GLN O    O  N N 91  
GLN CB   C  N N 92  
GLN CG   C  N N 93  
GLN CD   C  N N 94  
GLN OE1  O  N N 95  
GLN NE2  N  N N 96  
GLN OXT  O  N N 97  
GLN H    H  N N 98  
GLN H2   H  N N 99  
GLN HA   H  N N 100 
GLN HB2  H  N N 101 
GLN HB3  H  N N 102 
GLN HG2  H  N N 103 
GLN HG3  H  N N 104 
GLN HE21 H  N N 105 
GLN HE22 H  N N 106 
GLN HXT  H  N N 107 
GLU N    N  N N 108 
GLU CA   C  N S 109 
GLU C    C  N N 110 
GLU O    O  N N 111 
GLU CB   C  N N 112 
GLU CG   C  N N 113 
GLU CD   C  N N 114 
GLU OE1  O  N N 115 
GLU OE2  O  N N 116 
GLU OXT  O  N N 117 
GLU H    H  N N 118 
GLU H2   H  N N 119 
GLU HA   H  N N 120 
GLU HB2  H  N N 121 
GLU HB3  H  N N 122 
GLU HG2  H  N N 123 
GLU HG3  H  N N 124 
GLU HE2  H  N N 125 
GLU HXT  H  N N 126 
GLY N    N  N N 127 
GLY CA   C  N N 128 
GLY C    C  N N 129 
GLY O    O  N N 130 
GLY OXT  O  N N 131 
GLY H    H  N N 132 
GLY H2   H  N N 133 
GLY HA2  H  N N 134 
GLY HA3  H  N N 135 
GLY HXT  H  N N 136 
HOH O    O  N N 137 
HOH H1   H  N N 138 
HOH H2   H  N N 139 
LEU N    N  N N 140 
LEU CA   C  N S 141 
LEU C    C  N N 142 
LEU O    O  N N 143 
LEU CB   C  N N 144 
LEU CG   C  N N 145 
LEU CD1  C  N N 146 
LEU CD2  C  N N 147 
LEU OXT  O  N N 148 
LEU H    H  N N 149 
LEU H2   H  N N 150 
LEU HA   H  N N 151 
LEU HB2  H  N N 152 
LEU HB3  H  N N 153 
LEU HG   H  N N 154 
LEU HD11 H  N N 155 
LEU HD12 H  N N 156 
LEU HD13 H  N N 157 
LEU HD21 H  N N 158 
LEU HD22 H  N N 159 
LEU HD23 H  N N 160 
LEU HXT  H  N N 161 
LYS N    N  N N 162 
LYS CA   C  N S 163 
LYS C    C  N N 164 
LYS O    O  N N 165 
LYS CB   C  N N 166 
LYS CG   C  N N 167 
LYS CD   C  N N 168 
LYS CE   C  N N 169 
LYS NZ   N  N N 170 
LYS OXT  O  N N 171 
LYS H    H  N N 172 
LYS H2   H  N N 173 
LYS HA   H  N N 174 
LYS HB2  H  N N 175 
LYS HB3  H  N N 176 
LYS HG2  H  N N 177 
LYS HG3  H  N N 178 
LYS HD2  H  N N 179 
LYS HD3  H  N N 180 
LYS HE2  H  N N 181 
LYS HE3  H  N N 182 
LYS HZ1  H  N N 183 
LYS HZ2  H  N N 184 
LYS HZ3  H  N N 185 
LYS HXT  H  N N 186 
MET N    N  N N 187 
MET CA   C  N S 188 
MET C    C  N N 189 
MET O    O  N N 190 
MET CB   C  N N 191 
MET CG   C  N N 192 
MET SD   S  N N 193 
MET CE   C  N N 194 
MET OXT  O  N N 195 
MET H    H  N N 196 
MET H2   H  N N 197 
MET HA   H  N N 198 
MET HB2  H  N N 199 
MET HB3  H  N N 200 
MET HG2  H  N N 201 
MET HG3  H  N N 202 
MET HE1  H  N N 203 
MET HE2  H  N N 204 
MET HE3  H  N N 205 
MET HXT  H  N N 206 
PHE N    N  N N 207 
PHE CA   C  N S 208 
PHE C    C  N N 209 
PHE O    O  N N 210 
PHE CB   C  N N 211 
PHE CG   C  Y N 212 
PHE CD1  C  Y N 213 
PHE CD2  C  Y N 214 
PHE CE1  C  Y N 215 
PHE CE2  C  Y N 216 
PHE CZ   C  Y N 217 
PHE OXT  O  N N 218 
PHE H    H  N N 219 
PHE H2   H  N N 220 
PHE HA   H  N N 221 
PHE HB2  H  N N 222 
PHE HB3  H  N N 223 
PHE HD1  H  N N 224 
PHE HD2  H  N N 225 
PHE HE1  H  N N 226 
PHE HE2  H  N N 227 
PHE HZ   H  N N 228 
PHE HXT  H  N N 229 
PRO N    N  N N 230 
PRO CA   C  N S 231 
PRO C    C  N N 232 
PRO O    O  N N 233 
PRO CB   C  N N 234 
PRO CG   C  N N 235 
PRO CD   C  N N 236 
PRO OXT  O  N N 237 
PRO H    H  N N 238 
PRO HA   H  N N 239 
PRO HB2  H  N N 240 
PRO HB3  H  N N 241 
PRO HG2  H  N N 242 
PRO HG3  H  N N 243 
PRO HD2  H  N N 244 
PRO HD3  H  N N 245 
PRO HXT  H  N N 246 
SER N    N  N N 247 
SER CA   C  N S 248 
SER C    C  N N 249 
SER O    O  N N 250 
SER CB   C  N N 251 
SER OG   O  N N 252 
SER OXT  O  N N 253 
SER H    H  N N 254 
SER H2   H  N N 255 
SER HA   H  N N 256 
SER HB2  H  N N 257 
SER HB3  H  N N 258 
SER HG   H  N N 259 
SER HXT  H  N N 260 
THR N    N  N N 261 
THR CA   C  N S 262 
THR C    C  N N 263 
THR O    O  N N 264 
THR CB   C  N R 265 
THR OG1  O  N N 266 
THR CG2  C  N N 267 
THR OXT  O  N N 268 
THR H    H  N N 269 
THR H2   H  N N 270 
THR HA   H  N N 271 
THR HB   H  N N 272 
THR HG1  H  N N 273 
THR HG21 H  N N 274 
THR HG22 H  N N 275 
THR HG23 H  N N 276 
THR HXT  H  N N 277 
TRP N    N  N N 278 
TRP CA   C  N S 279 
TRP C    C  N N 280 
TRP O    O  N N 281 
TRP CB   C  N N 282 
TRP CG   C  Y N 283 
TRP CD1  C  Y N 284 
TRP CD2  C  Y N 285 
TRP NE1  N  Y N 286 
TRP CE2  C  Y N 287 
TRP CE3  C  Y N 288 
TRP CZ2  C  Y N 289 
TRP CZ3  C  Y N 290 
TRP CH2  C  Y N 291 
TRP OXT  O  N N 292 
TRP H    H  N N 293 
TRP H2   H  N N 294 
TRP HA   H  N N 295 
TRP HB2  H  N N 296 
TRP HB3  H  N N 297 
TRP HD1  H  N N 298 
TRP HE1  H  N N 299 
TRP HE3  H  N N 300 
TRP HZ2  H  N N 301 
TRP HZ3  H  N N 302 
TRP HH2  H  N N 303 
TRP HXT  H  N N 304 
TYR N    N  N N 305 
TYR CA   C  N S 306 
TYR C    C  N N 307 
TYR O    O  N N 308 
TYR CB   C  N N 309 
TYR CG   C  Y N 310 
TYR CD1  C  Y N 311 
TYR CD2  C  Y N 312 
TYR CE1  C  Y N 313 
TYR CE2  C  Y N 314 
TYR CZ   C  Y N 315 
TYR OH   O  N N 316 
TYR OXT  O  N N 317 
TYR H    H  N N 318 
TYR H2   H  N N 319 
TYR HA   H  N N 320 
TYR HB2  H  N N 321 
TYR HB3  H  N N 322 
TYR HD1  H  N N 323 
TYR HD2  H  N N 324 
TYR HE1  H  N N 325 
TYR HE2  H  N N 326 
TYR HH   H  N N 327 
TYR HXT  H  N N 328 
VAL N    N  N N 329 
VAL CA   C  N S 330 
VAL C    C  N N 331 
VAL O    O  N N 332 
VAL CB   C  N N 333 
VAL CG1  C  N N 334 
VAL CG2  C  N N 335 
VAL OXT  O  N N 336 
VAL H    H  N N 337 
VAL H2   H  N N 338 
VAL HA   H  N N 339 
VAL HB   H  N N 340 
VAL HG11 H  N N 341 
VAL HG12 H  N N 342 
VAL HG13 H  N N 343 
VAL HG21 H  N N 344 
VAL HG22 H  N N 345 
VAL HG23 H  N N 346 
VAL HXT  H  N N 347 
ZN  ZN   ZN N N 348 
# 
loop_
_chem_comp_bond.comp_id 
_chem_comp_bond.atom_id_1 
_chem_comp_bond.atom_id_2 
_chem_comp_bond.value_order 
_chem_comp_bond.pdbx_aromatic_flag 
_chem_comp_bond.pdbx_stereo_config 
_chem_comp_bond.pdbx_ordinal 
ALA N   CA   sing N N 1   
ALA N   H    sing N N 2   
ALA N   H2   sing N N 3   
ALA CA  C    sing N N 4   
ALA CA  CB   sing N N 5   
ALA CA  HA   sing N N 6   
ALA C   O    doub N N 7   
ALA C   OXT  sing N N 8   
ALA CB  HB1  sing N N 9   
ALA CB  HB2  sing N N 10  
ALA CB  HB3  sing N N 11  
ALA OXT HXT  sing N N 12  
ARG N   CA   sing N N 13  
ARG N   H    sing N N 14  
ARG N   H2   sing N N 15  
ARG CA  C    sing N N 16  
ARG CA  CB   sing N N 17  
ARG CA  HA   sing N N 18  
ARG C   O    doub N N 19  
ARG C   OXT  sing N N 20  
ARG CB  CG   sing N N 21  
ARG CB  HB2  sing N N 22  
ARG CB  HB3  sing N N 23  
ARG CG  CD   sing N N 24  
ARG CG  HG2  sing N N 25  
ARG CG  HG3  sing N N 26  
ARG CD  NE   sing N N 27  
ARG CD  HD2  sing N N 28  
ARG CD  HD3  sing N N 29  
ARG NE  CZ   sing N N 30  
ARG NE  HE   sing N N 31  
ARG CZ  NH1  sing N N 32  
ARG CZ  NH2  doub N N 33  
ARG NH1 HH11 sing N N 34  
ARG NH1 HH12 sing N N 35  
ARG NH2 HH21 sing N N 36  
ARG NH2 HH22 sing N N 37  
ARG OXT HXT  sing N N 38  
ASN N   CA   sing N N 39  
ASN N   H    sing N N 40  
ASN N   H2   sing N N 41  
ASN CA  C    sing N N 42  
ASN CA  CB   sing N N 43  
ASN CA  HA   sing N N 44  
ASN C   O    doub N N 45  
ASN C   OXT  sing N N 46  
ASN CB  CG   sing N N 47  
ASN CB  HB2  sing N N 48  
ASN CB  HB3  sing N N 49  
ASN CG  OD1  doub N N 50  
ASN CG  ND2  sing N N 51  
ASN ND2 HD21 sing N N 52  
ASN ND2 HD22 sing N N 53  
ASN OXT HXT  sing N N 54  
ASP N   CA   sing N N 55  
ASP N   H    sing N N 56  
ASP N   H2   sing N N 57  
ASP CA  C    sing N N 58  
ASP CA  CB   sing N N 59  
ASP CA  HA   sing N N 60  
ASP C   O    doub N N 61  
ASP C   OXT  sing N N 62  
ASP CB  CG   sing N N 63  
ASP CB  HB2  sing N N 64  
ASP CB  HB3  sing N N 65  
ASP CG  OD1  doub N N 66  
ASP CG  OD2  sing N N 67  
ASP OD2 HD2  sing N N 68  
ASP OXT HXT  sing N N 69  
CYS N   CA   sing N N 70  
CYS N   H    sing N N 71  
CYS N   H2   sing N N 72  
CYS CA  C    sing N N 73  
CYS CA  CB   sing N N 74  
CYS CA  HA   sing N N 75  
CYS C   O    doub N N 76  
CYS C   OXT  sing N N 77  
CYS CB  SG   sing N N 78  
CYS CB  HB2  sing N N 79  
CYS CB  HB3  sing N N 80  
CYS SG  HG   sing N N 81  
CYS OXT HXT  sing N N 82  
GLN N   CA   sing N N 83  
GLN N   H    sing N N 84  
GLN N   H2   sing N N 85  
GLN CA  C    sing N N 86  
GLN CA  CB   sing N N 87  
GLN CA  HA   sing N N 88  
GLN C   O    doub N N 89  
GLN C   OXT  sing N N 90  
GLN CB  CG   sing N N 91  
GLN CB  HB2  sing N N 92  
GLN CB  HB3  sing N N 93  
GLN CG  CD   sing N N 94  
GLN CG  HG2  sing N N 95  
GLN CG  HG3  sing N N 96  
GLN CD  OE1  doub N N 97  
GLN CD  NE2  sing N N 98  
GLN NE2 HE21 sing N N 99  
GLN NE2 HE22 sing N N 100 
GLN OXT HXT  sing N N 101 
GLU N   CA   sing N N 102 
GLU N   H    sing N N 103 
GLU N   H2   sing N N 104 
GLU CA  C    sing N N 105 
GLU CA  CB   sing N N 106 
GLU CA  HA   sing N N 107 
GLU C   O    doub N N 108 
GLU C   OXT  sing N N 109 
GLU CB  CG   sing N N 110 
GLU CB  HB2  sing N N 111 
GLU CB  HB3  sing N N 112 
GLU CG  CD   sing N N 113 
GLU CG  HG2  sing N N 114 
GLU CG  HG3  sing N N 115 
GLU CD  OE1  doub N N 116 
GLU CD  OE2  sing N N 117 
GLU OE2 HE2  sing N N 118 
GLU OXT HXT  sing N N 119 
GLY N   CA   sing N N 120 
GLY N   H    sing N N 121 
GLY N   H2   sing N N 122 
GLY CA  C    sing N N 123 
GLY CA  HA2  sing N N 124 
GLY CA  HA3  sing N N 125 
GLY C   O    doub N N 126 
GLY C   OXT  sing N N 127 
GLY OXT HXT  sing N N 128 
HOH O   H1   sing N N 129 
HOH O   H2   sing N N 130 
LEU N   CA   sing N N 131 
LEU N   H    sing N N 132 
LEU N   H2   sing N N 133 
LEU CA  C    sing N N 134 
LEU CA  CB   sing N N 135 
LEU CA  HA   sing N N 136 
LEU C   O    doub N N 137 
LEU C   OXT  sing N N 138 
LEU CB  CG   sing N N 139 
LEU CB  HB2  sing N N 140 
LEU CB  HB3  sing N N 141 
LEU CG  CD1  sing N N 142 
LEU CG  CD2  sing N N 143 
LEU CG  HG   sing N N 144 
LEU CD1 HD11 sing N N 145 
LEU CD1 HD12 sing N N 146 
LEU CD1 HD13 sing N N 147 
LEU CD2 HD21 sing N N 148 
LEU CD2 HD22 sing N N 149 
LEU CD2 HD23 sing N N 150 
LEU OXT HXT  sing N N 151 
LYS N   CA   sing N N 152 
LYS N   H    sing N N 153 
LYS N   H2   sing N N 154 
LYS CA  C    sing N N 155 
LYS CA  CB   sing N N 156 
LYS CA  HA   sing N N 157 
LYS C   O    doub N N 158 
LYS C   OXT  sing N N 159 
LYS CB  CG   sing N N 160 
LYS CB  HB2  sing N N 161 
LYS CB  HB3  sing N N 162 
LYS CG  CD   sing N N 163 
LYS CG  HG2  sing N N 164 
LYS CG  HG3  sing N N 165 
LYS CD  CE   sing N N 166 
LYS CD  HD2  sing N N 167 
LYS CD  HD3  sing N N 168 
LYS CE  NZ   sing N N 169 
LYS CE  HE2  sing N N 170 
LYS CE  HE3  sing N N 171 
LYS NZ  HZ1  sing N N 172 
LYS NZ  HZ2  sing N N 173 
LYS NZ  HZ3  sing N N 174 
LYS OXT HXT  sing N N 175 
MET N   CA   sing N N 176 
MET N   H    sing N N 177 
MET N   H2   sing N N 178 
MET CA  C    sing N N 179 
MET CA  CB   sing N N 180 
MET CA  HA   sing N N 181 
MET C   O    doub N N 182 
MET C   OXT  sing N N 183 
MET CB  CG   sing N N 184 
MET CB  HB2  sing N N 185 
MET CB  HB3  sing N N 186 
MET CG  SD   sing N N 187 
MET CG  HG2  sing N N 188 
MET CG  HG3  sing N N 189 
MET SD  CE   sing N N 190 
MET CE  HE1  sing N N 191 
MET CE  HE2  sing N N 192 
MET CE  HE3  sing N N 193 
MET OXT HXT  sing N N 194 
PHE N   CA   sing N N 195 
PHE N   H    sing N N 196 
PHE N   H2   sing N N 197 
PHE CA  C    sing N N 198 
PHE CA  CB   sing N N 199 
PHE CA  HA   sing N N 200 
PHE C   O    doub N N 201 
PHE C   OXT  sing N N 202 
PHE CB  CG   sing N N 203 
PHE CB  HB2  sing N N 204 
PHE CB  HB3  sing N N 205 
PHE CG  CD1  doub Y N 206 
PHE CG  CD2  sing Y N 207 
PHE CD1 CE1  sing Y N 208 
PHE CD1 HD1  sing N N 209 
PHE CD2 CE2  doub Y N 210 
PHE CD2 HD2  sing N N 211 
PHE CE1 CZ   doub Y N 212 
PHE CE1 HE1  sing N N 213 
PHE CE2 CZ   sing Y N 214 
PHE CE2 HE2  sing N N 215 
PHE CZ  HZ   sing N N 216 
PHE OXT HXT  sing N N 217 
PRO N   CA   sing N N 218 
PRO N   CD   sing N N 219 
PRO N   H    sing N N 220 
PRO CA  C    sing N N 221 
PRO CA  CB   sing N N 222 
PRO CA  HA   sing N N 223 
PRO C   O    doub N N 224 
PRO C   OXT  sing N N 225 
PRO CB  CG   sing N N 226 
PRO CB  HB2  sing N N 227 
PRO CB  HB3  sing N N 228 
PRO CG  CD   sing N N 229 
PRO CG  HG2  sing N N 230 
PRO CG  HG3  sing N N 231 
PRO CD  HD2  sing N N 232 
PRO CD  HD3  sing N N 233 
PRO OXT HXT  sing N N 234 
SER N   CA   sing N N 235 
SER N   H    sing N N 236 
SER N   H2   sing N N 237 
SER CA  C    sing N N 238 
SER CA  CB   sing N N 239 
SER CA  HA   sing N N 240 
SER C   O    doub N N 241 
SER C   OXT  sing N N 242 
SER CB  OG   sing N N 243 
SER CB  HB2  sing N N 244 
SER CB  HB3  sing N N 245 
SER OG  HG   sing N N 246 
SER OXT HXT  sing N N 247 
THR N   CA   sing N N 248 
THR N   H    sing N N 249 
THR N   H2   sing N N 250 
THR CA  C    sing N N 251 
THR CA  CB   sing N N 252 
THR CA  HA   sing N N 253 
THR C   O    doub N N 254 
THR C   OXT  sing N N 255 
THR CB  OG1  sing N N 256 
THR CB  CG2  sing N N 257 
THR CB  HB   sing N N 258 
THR OG1 HG1  sing N N 259 
THR CG2 HG21 sing N N 260 
THR CG2 HG22 sing N N 261 
THR CG2 HG23 sing N N 262 
THR OXT HXT  sing N N 263 
TRP N   CA   sing N N 264 
TRP N   H    sing N N 265 
TRP N   H2   sing N N 266 
TRP CA  C    sing N N 267 
TRP CA  CB   sing N N 268 
TRP CA  HA   sing N N 269 
TRP C   O    doub N N 270 
TRP C   OXT  sing N N 271 
TRP CB  CG   sing N N 272 
TRP CB  HB2  sing N N 273 
TRP CB  HB3  sing N N 274 
TRP CG  CD1  doub Y N 275 
TRP CG  CD2  sing Y N 276 
TRP CD1 NE1  sing Y N 277 
TRP CD1 HD1  sing N N 278 
TRP CD2 CE2  doub Y N 279 
TRP CD2 CE3  sing Y N 280 
TRP NE1 CE2  sing Y N 281 
TRP NE1 HE1  sing N N 282 
TRP CE2 CZ2  sing Y N 283 
TRP CE3 CZ3  doub Y N 284 
TRP CE3 HE3  sing N N 285 
TRP CZ2 CH2  doub Y N 286 
TRP CZ2 HZ2  sing N N 287 
TRP CZ3 CH2  sing Y N 288 
TRP CZ3 HZ3  sing N N 289 
TRP CH2 HH2  sing N N 290 
TRP OXT HXT  sing N N 291 
TYR N   CA   sing N N 292 
TYR N   H    sing N N 293 
TYR N   H2   sing N N 294 
TYR CA  C    sing N N 295 
TYR CA  CB   sing N N 296 
TYR CA  HA   sing N N 297 
TYR C   O    doub N N 298 
TYR C   OXT  sing N N 299 
TYR CB  CG   sing N N 300 
TYR CB  HB2  sing N N 301 
TYR CB  HB3  sing N N 302 
TYR CG  CD1  doub Y N 303 
TYR CG  CD2  sing Y N 304 
TYR CD1 CE1  sing Y N 305 
TYR CD1 HD1  sing N N 306 
TYR CD2 CE2  doub Y N 307 
TYR CD2 HD2  sing N N 308 
TYR CE1 CZ   doub Y N 309 
TYR CE1 HE1  sing N N 310 
TYR CE2 CZ   sing Y N 311 
TYR CE2 HE2  sing N N 312 
TYR CZ  OH   sing N N 313 
TYR OH  HH   sing N N 314 
TYR OXT HXT  sing N N 315 
VAL N   CA   sing N N 316 
VAL N   H    sing N N 317 
VAL N   H2   sing N N 318 
VAL CA  C    sing N N 319 
VAL CA  CB   sing N N 320 
VAL CA  HA   sing N N 321 
VAL C   O    doub N N 322 
VAL C   OXT  sing N N 323 
VAL CB  CG1  sing N N 324 
VAL CB  CG2  sing N N 325 
VAL CB  HB   sing N N 326 
VAL CG1 HG11 sing N N 327 
VAL CG1 HG12 sing N N 328 
VAL CG1 HG13 sing N N 329 
VAL CG2 HG21 sing N N 330 
VAL CG2 HG22 sing N N 331 
VAL CG2 HG23 sing N N 332 
VAL OXT HXT  sing N N 333 
# 
_atom_sites.entry_id                    3TN2 
_atom_sites.fract_transf_matrix[1][1]   0.01543402 
_atom_sites.fract_transf_matrix[1][2]   0.00641160 
_atom_sites.fract_transf_matrix[1][3]   0.01213949 
_atom_sites.fract_transf_matrix[2][1]   0.00131160 
_atom_sites.fract_transf_matrix[2][2]   0.02316379 
_atom_sites.fract_transf_matrix[2][3]   -0.01390175 
_atom_sites.fract_transf_matrix[3][1]   -0.01327165 
_atom_sites.fract_transf_matrix[3][2]   0.01663369 
_atom_sites.fract_transf_matrix[3][3]   0.02646374 
_atom_sites.fract_transf_vector[1]      0.216197 
_atom_sites.fract_transf_vector[2]      0.147327 
_atom_sites.fract_transf_vector[3]      0.135421 
# 
loop_
_atom_type.symbol 
C  
N  
O  
S  
ZN 
# 
loop_
_atom_site.group_PDB 
_atom_site.id 
_atom_site.type_symbol 
_atom_site.label_atom_id 
_atom_site.label_alt_id 
_atom_site.label_comp_id 
_atom_site.label_asym_id 
_atom_site.label_entity_id 
_atom_site.label_seq_id 
_atom_site.pdbx_PDB_ins_code 
_atom_site.Cartn_x 
_atom_site.Cartn_y 
_atom_site.Cartn_z 
_atom_site.occupancy 
_atom_site.B_iso_or_equiv 
_atom_site.pdbx_formal_charge 
_atom_site.auth_seq_id 
_atom_site.auth_comp_id 
_atom_site.auth_asym_id 
_atom_site.auth_atom_id 
_atom_site.pdbx_PDB_model_num 
ATOM   1   N  N   . ALA A 1 1  ? 4.531   6.821   -6.974  1.00 8.78  ? 1   ALA A N   1 
ATOM   2   C  CA  . ALA A 1 1  ? 3.419   5.762   -6.590  1.00 19.74 ? 1   ALA A CA  1 
ATOM   3   C  C   . ALA A 1 1  ? 4.141   4.450   -6.963  1.00 18.63 ? 1   ALA A C   1 
ATOM   4   O  O   . ALA A 1 1  ? 5.264   4.549   -7.219  1.00 22.14 ? 1   ALA A O   1 
ATOM   5   C  CB  . ALA A 1 1  ? 2.235   5.905   -7.397  1.00 19.57 ? 1   ALA A CB  1 
ATOM   6   N  N   . PRO A 1 2  ? 3.521   3.237   -7.018  1.00 19.31 ? 2   PRO A N   1 
ATOM   7   C  CA  . PRO A 1 2  ? 4.492   2.165   -7.306  1.00 18.57 ? 2   PRO A CA  1 
ATOM   8   C  C   . PRO A 1 2  ? 4.995   2.230   -8.743  1.00 17.67 ? 2   PRO A C   1 
ATOM   9   O  O   . PRO A 1 2  ? 4.224   2.640   -9.649  1.00 17.03 ? 2   PRO A O   1 
ATOM   10  C  CB  . PRO A 1 2  ? 3.683   0.866   -7.116  1.00 21.46 ? 2   PRO A CB  1 
ATOM   11  C  CG  . PRO A 1 2  ? 2.358   1.257   -7.001  1.00 20.93 ? 2   PRO A CG  1 
ATOM   12  C  CD  . PRO A 1 2  ? 2.224   2.664   -6.624  1.00 20.68 ? 2   PRO A CD  1 
ATOM   13  N  N   . MET A 1 3  ? 6.211   1.758   -8.999  1.00 16.12 ? 3   MET A N   1 
ATOM   14  C  CA  . MET A 1 3  ? 6.658   1.548   -10.411 1.00 17.41 ? 3   MET A CA  1 
ATOM   15  C  C   . MET A 1 3  ? 6.102   0.220   -10.925 1.00 16.99 ? 3   MET A C   1 
ATOM   16  O  O   . MET A 1 3  ? 6.382   -0.808  -10.323 1.00 17.01 ? 3   MET A O   1 
ATOM   17  C  CB  . MET A 1 3  ? 8.183   1.512   -10.429 1.00 16.19 ? 3   MET A CB  1 
ATOM   18  C  CG  . MET A 1 3  ? 8.898   2.872   -10.272 1.00 18.73 ? 3   MET A CG  1 
ATOM   19  S  SD  . MET A 1 3  ? 8.344   4.153   -11.461 1.00 22.24 ? 3   MET A SD  1 
ATOM   20  C  CE  . MET A 1 3  ? 7.352   5.174   -10.382 1.00 24.66 ? 3   MET A CE  1 
ATOM   21  N  N   . GLY A 1 4  ? 5.271   0.266   -11.994 1.00 18.06 ? 4   GLY A N   1 
ATOM   22  C  CA  . GLY A 1 4  ? 4.555   -0.897  -12.545 1.00 17.92 ? 4   GLY A CA  1 
ATOM   23  C  C   . GLY A 1 4  ? 3.129   -0.888  -12.015 1.00 19.07 ? 4   GLY A C   1 
ATOM   24  O  O   . GLY A 1 4  ? 2.805   -0.218  -11.016 1.00 19.68 ? 4   GLY A O   1 
ATOM   25  N  N   . SER A 1 5  ? 2.229   -1.653  -12.656 1.00 20.24 ? 5   SER A N   1 
ATOM   26  C  CA  . SER A 1 5  ? 0.818   -1.707  -12.146 1.00 21.81 ? 5   SER A CA  1 
ATOM   27  C  C   . SER A 1 5  ? 0.292   -3.099  -11.840 1.00 21.39 ? 5   SER A C   1 
ATOM   28  O  O   . SER A 1 5  ? -0.907  -3.263  -11.484 1.00 21.35 ? 5   SER A O   1 
ATOM   29  C  CB  . SER A 1 5  ? -0.159  -1.069  -13.117 1.00 23.45 ? 5   SER A CB  1 
ATOM   30  O  OG  . SER A 1 5  ? 0.157   -1.435  -14.420 1.00 30.54 ? 5   SER A OG  1 
ATOM   31  N  N   . ASP A 1 6  ? 1.167   -4.098  -11.959 1.00 20.78 ? 6   ASP A N   1 
ATOM   32  C  CA  . ASP A 1 6  ? 0.732   -5.441  -11.634 1.00 19.50 ? 6   ASP A CA  1 
ATOM   33  C  C   . ASP A 1 6  ? 1.128   -5.745  -10.182 1.00 19.86 ? 6   ASP A C   1 
ATOM   34  O  O   . ASP A 1 6  ? 2.323   -5.782  -9.857  1.00 18.52 ? 6   ASP A O   1 
ATOM   35  C  CB  . ASP A 1 6  ? 1.377   -6.437  -12.609 1.00 20.97 ? 6   ASP A CB  1 
ATOM   36  C  CG  . ASP A 1 6  ? 0.975   -7.857  -12.357 1.00 22.85 ? 6   ASP A CG  1 
ATOM   37  O  OD1 . ASP A 1 6  ? 0.295   -8.193  -11.333 1.00 19.75 ? 6   ASP A OD1 1 
ATOM   38  O  OD2 . ASP A 1 6  ? 1.400   -8.671  -13.205 1.00 25.39 ? 6   ASP A OD2 1 
ATOM   39  N  N   . PRO A 1 7  ? 0.152   -5.957  -9.306  1.00 18.21 ? 7   PRO A N   1 
ATOM   40  C  CA  . PRO A 1 7  ? 0.481   -6.263  -7.922  1.00 18.12 ? 7   PRO A CA  1 
ATOM   41  C  C   . PRO A 1 7  ? 1.517   -7.385  -7.723  1.00 19.67 ? 7   PRO A C   1 
ATOM   42  O  O   . PRO A 1 7  ? 2.235   -7.415  -6.697  1.00 20.02 ? 7   PRO A O   1 
ATOM   43  C  CB  . PRO A 1 7  ? -0.889  -6.639  -7.309  1.00 20.01 ? 7   PRO A CB  1 
ATOM   44  C  CG  . PRO A 1 7  ? -1.924  -5.921  -8.166  1.00 18.13 ? 7   PRO A CG  1 
ATOM   45  C  CD  . PRO A 1 7  ? -1.316  -6.035  -9.571  1.00 18.21 ? 7   PRO A CD  1 
ATOM   46  N  N   . ALA A 1 8  ? 1.637   -8.297  -8.677  1.00 18.51 ? 8   ALA A N   1 
ATOM   47  C  CA  . ALA A 1 8  ? 2.571   -9.388  -8.552  1.00 19.37 ? 8   ALA A CA  1 
ATOM   48  C  C   . ALA A 1 8  ? 4.012   -8.923  -8.649  1.00 18.51 ? 8   ALA A C   1 
ATOM   49  O  O   . ALA A 1 8  ? 4.942   -9.618  -8.142  1.00 20.67 ? 8   ALA A O   1 
ATOM   50  C  CB  . ALA A 1 8  ? 2.309   -10.403 -9.630  1.00 19.04 ? 8   ALA A CB  1 
ATOM   51  N  N   . THR A 1 9  ? 4.236   -7.774  -9.291  1.00 17.59 ? 9   THR A N   1 
ATOM   52  C  CA  . THR A 1 9  ? 5.621   -7.354  -9.593  1.00 16.54 ? 9   THR A CA  1 
ATOM   53  C  C   . THR A 1 9  ? 5.942   -5.871  -9.335  1.00 17.84 ? 9   THR A C   1 
ATOM   54  O  O   . THR A 1 9  ? 7.119   -5.522  -9.267  1.00 16.53 ? 9   THR A O   1 
ATOM   55  C  CB  . THR A 1 9  ? 5.965   -7.608  -11.057 1.00 17.68 ? 9   THR A CB  1 
ATOM   56  O  OG1 . THR A 1 9  ? 4.983   -6.972  -11.878 1.00 17.66 ? 9   THR A OG1 1 
ATOM   57  C  CG2 . THR A 1 9  ? 6.005   -9.095  -11.375 1.00 18.05 ? 9   THR A CG2 1 
ATOM   58  N  N   . ALA A 1 10 ? 4.909   -5.025  -9.179  1.00 17.29 ? 10  ALA A N   1 
ATOM   59  C  CA  . ALA A 1 10 ? 5.157   -3.596  -8.940  1.00 15.97 ? 10  ALA A CA  1 
ATOM   60  C  C   . ALA A 1 10 ? 5.951   -3.318  -7.637  1.00 16.97 ? 10  ALA A C   1 
ATOM   61  O  O   . ALA A 1 10 ? 5.792   -4.075  -6.682  1.00 17.79 ? 10  ALA A O   1 
ATOM   62  C  CB  . ALA A 1 10 ? 3.801   -2.795  -8.975  1.00 16.30 ? 10  ALA A CB  1 
ATOM   63  N  N   . CYS A 1 11 ? 6.841   -2.299  -7.658  1.00 16.25 ? 11  CYS A N   1 
ATOM   64  C  CA  . CYS A 1 11 ? 7.671   -1.977  -6.453  1.00 15.79 ? 11  CYS A CA  1 
ATOM   65  C  C   . CYS A 1 11 ? 7.557   -0.513  -6.012  1.00 16.29 ? 11  CYS A C   1 
ATOM   66  O  O   . CYS A 1 11 ? 7.330   0.363   -6.841  1.00 16.36 ? 11  CYS A O   1 
ATOM   67  C  CB  . CYS A 1 11 ? 9.135   -2.229  -6.741  1.00 15.69 ? 11  CYS A CB  1 
ATOM   68  S  SG  . CYS A 1 11 ? 9.500   -3.986  -7.154  1.00 20.52 ? 11  CYS A SG  1 
ATOM   69  N  N   . CYS A 1 12 ? 7.745   -0.264  -4.708  1.00 16.30 ? 12  CYS A N   1 
ATOM   70  C  CA  . CYS A 1 12 ? 7.675   1.110   -4.148  1.00 17.03 ? 12  CYS A CA  1 
ATOM   71  C  C   . CYS A 1 12 ? 9.046   1.564   -3.767  1.00 17.36 ? 12  CYS A C   1 
ATOM   72  O  O   . CYS A 1 12 ? 9.792   0.816   -3.114  1.00 18.81 ? 12  CYS A O   1 
ATOM   73  C  CB  . CYS A 1 12 ? 6.865   1.057   -2.847  1.00 15.94 ? 12  CYS A CB  1 
ATOM   74  S  SG  . CYS A 1 12 ? 5.072   0.762   -3.213  1.00 21.01 ? 12  CYS A SG  1 
ATOM   75  N  N   . PHE A 1 13 ? 9.414   2.779   -4.177  1.00 16.84 ? 13  PHE A N   1 
ATOM   76  C  CA  . PHE A 1 13 ? 10.740  3.299   -3.803  1.00 17.14 ? 13  PHE A CA  1 
ATOM   77  C  C   . PHE A 1 13 ? 10.597  4.391   -2.806  1.00 19.55 ? 13  PHE A C   1 
ATOM   78  O  O   . PHE A 1 13 ? 11.632  4.826   -2.280  1.00 19.46 ? 13  PHE A O   1 
ATOM   79  C  CB  . PHE A 1 13 ? 11.553  3.783   -5.027  1.00 17.88 ? 13  PHE A CB  1 
ATOM   80  C  CG  . PHE A 1 13 ? 11.947  2.701   -5.969  1.00 19.04 ? 13  PHE A CG  1 
ATOM   81  C  CD1 . PHE A 1 13 ? 12.781  1.663   -5.550  1.00 22.45 ? 13  PHE A CD1 1 
ATOM   82  C  CD2 . PHE A 1 13 ? 11.494  2.705   -7.278  1.00 21.79 ? 13  PHE A CD2 1 
ATOM   83  C  CE1 . PHE A 1 13 ? 13.155  0.638   -6.439  1.00 24.57 ? 13  PHE A CE1 1 
ATOM   84  C  CE2 . PHE A 1 13 ? 11.836  1.687   -8.159  1.00 23.79 ? 13  PHE A CE2 1 
ATOM   85  C  CZ  . PHE A 1 13 ? 12.676  0.658   -7.770  1.00 25.29 ? 13  PHE A CZ  1 
ATOM   86  N  N   . SER A 1 14 ? 9.366   4.786   -2.484  1.00 18.53 ? 14  SER A N   1 
ATOM   87  C  CA  . SER A 1 14 ? 9.129   5.678   -1.318  1.00 21.71 ? 14  SER A CA  1 
ATOM   88  C  C   . SER A 1 14 ? 7.816   5.301   -0.636  1.00 21.56 ? 14  SER A C   1 
ATOM   89  O  O   . SER A 1 14 ? 7.013   4.541   -1.173  1.00 22.34 ? 14  SER A O   1 
ATOM   90  C  CB  . SER A 1 14 ? 9.120   7.164   -1.727  1.00 22.86 ? 14  SER A CB  1 
ATOM   91  O  OG  . SER A 1 14 ? 7.931   7.362   -2.505  1.00 28.77 ? 14  SER A OG  1 
ATOM   92  N  N   . TYR A 1 15 ? 7.629   5.795   0.568   1.00 20.53 ? 15  TYR A N   1 
ATOM   93  C  CA  . TYR A 1 15 ? 6.391   5.568   1.320   1.00 21.06 ? 15  TYR A CA  1 
ATOM   94  C  C   . TYR A 1 15 ? 5.664   6.889   1.516   1.00 21.57 ? 15  TYR A C   1 
ATOM   95  O  O   . TYR A 1 15 ? 6.308   7.924   1.685   1.00 21.65 ? 15  TYR A O   1 
ATOM   96  C  CB  . TYR A 1 15 ? 6.702   5.016   2.710   1.00 19.84 ? 15  TYR A CB  1 
ATOM   97  C  CG  . TYR A 1 15 ? 7.455   3.719   2.739   1.00 18.48 ? 15  TYR A CG  1 
ATOM   98  C  CD1 . TYR A 1 15 ? 6.960   2.589   2.093   1.00 17.79 ? 15  TYR A CD1 1 
ATOM   99  C  CD2 . TYR A 1 15 ? 8.626   3.622   3.443   1.00 20.59 ? 15  TYR A CD2 1 
ATOM   100 C  CE1 . TYR A 1 15 ? 7.638   1.392   2.110   1.00 19.75 ? 15  TYR A CE1 1 
ATOM   101 C  CE2 . TYR A 1 15 ? 9.301   2.411   3.534   1.00 20.64 ? 15  TYR A CE2 1 
ATOM   102 C  CZ  . TYR A 1 15 ? 8.794   1.271   2.850   1.00 19.57 ? 15  TYR A CZ  1 
ATOM   103 O  OH  . TYR A 1 15 ? 9.515   0.092   2.934   1.00 20.59 ? 15  TYR A OH  1 
ATOM   104 N  N   . THR A 1 16 ? 4.348   6.839   1.606   1.00 20.70 ? 16  THR A N   1 
ATOM   105 C  CA  . THR A 1 16 ? 3.579   8.027   1.912   1.00 21.89 ? 16  THR A CA  1 
ATOM   106 C  C   . THR A 1 16 ? 4.005   8.604   3.228   1.00 22.13 ? 16  THR A C   1 
ATOM   107 O  O   . THR A 1 16 ? 4.236   7.870   4.185   1.00 22.02 ? 16  THR A O   1 
ATOM   108 C  CB  . THR A 1 16 ? 2.077   7.700   2.024   1.00 21.66 ? 16  THR A CB  1 
ATOM   109 O  OG1 . THR A 1 16 ? 1.365   8.932   2.100   1.00 26.99 ? 16  THR A OG1 1 
ATOM   110 C  CG2 . THR A 1 16 ? 1.762   6.843   3.241   1.00 21.92 ? 16  THR A CG2 1 
ATOM   111 N  N   . ALA A 1 17 ? 4.111   9.929   3.279   1.00 22.60 ? 17  ALA A N   1 
ATOM   112 C  CA  . ALA A 1 17 ? 4.325   10.585  4.545   1.00 23.14 ? 17  ALA A CA  1 
ATOM   113 C  C   . ALA A 1 17 ? 3.049   11.137  5.145   1.00 23.11 ? 17  ALA A C   1 
ATOM   114 O  O   . ALA A 1 17 ? 3.124   11.962  6.027   1.00 26.63 ? 17  ALA A O   1 
ATOM   115 C  CB  . ALA A 1 17 ? 5.341   11.725  4.377   1.00 24.84 ? 17  ALA A CB  1 
ATOM   116 N  N   . ARG A 1 18 ? 1.872   10.785  4.658   1.00 20.14 ? 18  ARG A N   1 
ATOM   117 C  CA  . ARG A 1 18 ? 0.677   11.318  5.284   1.00 20.81 ? 18  ARG A CA  1 
ATOM   118 C  C   . ARG A 1 18 ? -0.077  10.077  5.647   1.00 21.00 ? 18  ARG A C   1 
ATOM   119 O  O   . ARG A 1 18 ? 0.109   9.051   4.988   1.00 20.67 ? 18  ARG A O   1 
ATOM   120 C  CB  . ARG A 1 18 ? -0.164  12.223  4.331   1.00 21.83 ? 18  ARG A CB  1 
ATOM   121 C  CG  . ARG A 1 18 ? -0.693  11.609  3.082   1.00 21.83 ? 18  ARG A CG  1 
ATOM   122 C  CD  . ARG A 1 18 ? -1.423  12.602  2.211   1.00 21.52 ? 18  ARG A CD  1 
ATOM   123 N  NE  . ARG A 1 18 ? -1.852  11.894  1.034   1.00 19.24 ? 18  ARG A NE  1 
ATOM   124 C  CZ  . ARG A 1 18 ? -3.034  11.357  0.877   1.00 20.37 ? 18  ARG A CZ  1 
ATOM   125 N  NH1 . ARG A 1 18 ? -3.999  11.469  1.778   1.00 20.15 ? 18  ARG A NH1 1 
ATOM   126 N  NH2 . ARG A 1 18 ? -3.226  10.686  -0.226  1.00 18.39 ? 18  ARG A NH2 1 
ATOM   127 N  N   . LYS A 1 19 ? -0.946  10.168  6.654   1.00 19.68 ? 19  LYS A N   1 
ATOM   128 C  CA  . LYS A 1 19 ? -1.839  9.004   6.961   1.00 20.21 ? 19  LYS A CA  1 
ATOM   129 C  C   . LYS A 1 19 ? -3.066  9.059   6.088   1.00 18.88 ? 19  LYS A C   1 
ATOM   130 O  O   . LYS A 1 19 ? -3.678  10.109  5.963   1.00 20.45 ? 19  LYS A O   1 
ATOM   131 C  CB  . LYS A 1 19 ? -2.264  9.044   8.427   1.00 20.01 ? 19  LYS A CB  1 
ATOM   132 C  CG  . LYS A 1 19 ? -2.931  7.699   8.811   1.00 24.05 ? 19  LYS A CG  1 
ATOM   133 C  CD  . LYS A 1 19 ? -3.338  7.677   10.243  1.00 26.91 ? 19  LYS A CD  1 
ATOM   134 C  CE  . LYS A 1 19 ? -4.183  6.444   10.592  1.00 24.18 ? 19  LYS A CE  1 
ATOM   135 N  NZ  . LYS A 1 19 ? -3.992  6.424   12.056  1.00 30.63 ? 19  LYS A NZ  1 
ATOM   136 N  N   . LEU A 1 20 ? -3.435  7.928   5.492   1.00 17.70 ? 20  LEU A N   1 
ATOM   137 C  CA  . LEU A 1 20 ? -4.623  7.901   4.674   1.00 15.98 ? 20  LEU A CA  1 
ATOM   138 C  C   . LEU A 1 20 ? -5.856  7.730   5.563   1.00 15.58 ? 20  LEU A C   1 
ATOM   139 O  O   . LEU A 1 20 ? -5.865  6.821   6.400   1.00 16.49 ? 20  LEU A O   1 
ATOM   140 C  CB  . LEU A 1 20 ? -4.515  6.738   3.689   1.00 15.76 ? 20  LEU A CB  1 
ATOM   141 C  CG  . LEU A 1 20 ? -3.259  6.775   2.783   1.00 15.89 ? 20  LEU A CG  1 
ATOM   142 C  CD1 . LEU A 1 20 ? -3.343  5.550   1.791   1.00 16.32 ? 20  LEU A CD1 1 
ATOM   143 C  CD2 . LEU A 1 20 ? -3.123  8.049   2.003   1.00 16.97 ? 20  LEU A CD2 1 
ATOM   144 N  N   . PRO A 1 21 ? -6.876  8.578   5.376   1.00 16.73 ? 21  PRO A N   1 
ATOM   145 C  CA  . PRO A 1 21 ? -8.126  8.363   6.090   1.00 16.85 ? 21  PRO A CA  1 
ATOM   146 C  C   . PRO A 1 21 ? -8.698  6.994   5.716   1.00 16.28 ? 21  PRO A C   1 
ATOM   147 O  O   . PRO A 1 21 ? -8.721  6.614   4.550   1.00 15.19 ? 21  PRO A O   1 
ATOM   148 C  CB  . PRO A 1 21 ? -9.068  9.483   5.564   1.00 18.06 ? 21  PRO A CB  1 
ATOM   149 C  CG  . PRO A 1 21 ? -8.092  10.564  5.037   1.00 18.53 ? 21  PRO A CG  1 
ATOM   150 C  CD  . PRO A 1 21 ? -6.954  9.755   4.446   1.00 17.24 ? 21  PRO A CD  1 
ATOM   151 N  N   . ARG A 1 22 ? -9.193  6.277   6.732   1.00 16.07 ? 22  ARG A N   1 
ATOM   152 C  CA  . ARG A 1 22 ? -9.736  4.923   6.486   1.00 14.87 ? 22  ARG A CA  1 
ATOM   153 C  C   . ARG A 1 22 ? -10.884 4.980   5.515   1.00 14.61 ? 22  ARG A C   1 
ATOM   154 O  O   . ARG A 1 22 ? -10.995 4.074   4.692   1.00 15.62 ? 22  ARG A O   1 
ATOM   155 C  CB  . ARG A 1 22 ? -10.219 4.307   7.806   1.00 15.69 ? 22  ARG A CB  1 
ATOM   156 C  CG  . ARG A 1 22 ? -10.910 2.924   7.590   1.00 15.45 ? 22  ARG A CG  1 
ATOM   157 C  CD  . ARG A 1 22 ? -9.833  1.873   7.160   1.00 17.39 ? 22  ARG A CD  1 
ATOM   158 N  NE  . ARG A 1 22 ? -10.502 0.609   6.851   1.00 15.71 ? 22  ARG A NE  1 
ATOM   159 C  CZ  . ARG A 1 22 ? -11.027 0.273   5.688   1.00 19.74 ? 22  ARG A CZ  1 
ATOM   160 N  NH1 . ARG A 1 22 ? -10.957 1.098   4.662   1.00 19.51 ? 22  ARG A NH1 1 
ATOM   161 N  NH2 . ARG A 1 22 ? -11.636 -0.917  5.557   1.00 17.56 ? 22  ARG A NH2 1 
ATOM   162 N  N   . ASN A 1 23 ? -11.692 6.038   5.574   1.00 14.25 ? 23  ASN A N   1 
ATOM   163 C  CA  . ASN A 1 23 ? -12.868 6.093   4.657   1.00 14.82 ? 23  ASN A CA  1 
ATOM   164 C  C   . ASN A 1 23 ? -12.508 6.206   3.180   1.00 15.92 ? 23  ASN A C   1 
ATOM   165 O  O   . ASN A 1 23 ? -13.365 5.935   2.328   1.00 18.29 ? 23  ASN A O   1 
ATOM   166 C  CB  . ASN A 1 23 ? -13.847 7.193   5.045   1.00 14.62 ? 23  ASN A CB  1 
ATOM   167 C  CG  . ASN A 1 23 ? -13.297 8.614   4.853   1.00 18.82 ? 23  ASN A CG  1 
ATOM   168 O  OD1 . ASN A 1 23 ? -12.083 8.892   4.956   1.00 18.74 ? 23  ASN A OD1 1 
ATOM   169 N  ND2 . ASN A 1 23 ? -14.198 9.514   4.455   1.00 20.67 ? 23  ASN A ND2 1 
ATOM   170 N  N   . PHE A 1 24 ? -11.276 6.598   2.856   1.00 13.97 ? 24  PHE A N   1 
ATOM   171 C  CA  . PHE A 1 24 ? -10.885 6.658   1.452   1.00 12.76 ? 24  PHE A CA  1 
ATOM   172 C  C   . PHE A 1 24 ? -10.059 5.437   0.936   1.00 14.65 ? 24  PHE A C   1 
ATOM   173 O  O   . PHE A 1 24 ? -9.701  5.381   -0.250  1.00 14.68 ? 24  PHE A O   1 
ATOM   174 C  CB  . PHE A 1 24 ? -10.054 7.909   1.230   1.00 14.65 ? 24  PHE A CB  1 
ATOM   175 C  CG  . PHE A 1 24 ? -10.806 9.219   1.469   1.00 14.99 ? 24  PHE A CG  1 
ATOM   176 C  CD1 . PHE A 1 24 ? -12.159 9.364   1.187   1.00 19.19 ? 24  PHE A CD1 1 
ATOM   177 C  CD2 . PHE A 1 24 ? -10.074 10.327  1.906   1.00 17.15 ? 24  PHE A CD2 1 
ATOM   178 C  CE1 . PHE A 1 24 ? -12.815 10.568  1.401   1.00 17.44 ? 24  PHE A CE1 1 
ATOM   179 C  CE2 . PHE A 1 24 ? -10.720 11.539  2.135   1.00 16.47 ? 24  PHE A CE2 1 
ATOM   180 C  CZ  . PHE A 1 24 ? -12.081 11.668  1.883   1.00 18.63 ? 24  PHE A CZ  1 
ATOM   181 N  N   . VAL A 1 25 ? -9.694  4.517   1.820   1.00 14.32 ? 25  VAL A N   1 
ATOM   182 C  CA  . VAL A 1 25 ? -8.902  3.361   1.384   1.00 14.64 ? 25  VAL A CA  1 
ATOM   183 C  C   . VAL A 1 25 ? -9.852  2.208   1.061   1.00 16.57 ? 25  VAL A C   1 
ATOM   184 O  O   . VAL A 1 25 ? -10.733 1.879   1.873   1.00 16.36 ? 25  VAL A O   1 
ATOM   185 C  CB  . VAL A 1 25 ? -7.926  2.920   2.513   1.00 14.99 ? 25  VAL A CB  1 
ATOM   186 C  CG1 . VAL A 1 25 ? -7.220  1.585   2.172   1.00 14.90 ? 25  VAL A CG1 1 
ATOM   187 C  CG2 . VAL A 1 25 ? -6.875  4.012   2.810   1.00 13.26 ? 25  VAL A CG2 1 
ATOM   188 N  N   . VAL A 1 26 ? -9.673  1.567   -0.107  1.00 15.42 ? 26  VAL A N   1 
ATOM   189 C  CA  . VAL A 1 26 ? -10.674 0.574   -0.519  1.00 15.48 ? 26  VAL A CA  1 
ATOM   190 C  C   . VAL A 1 26 ? -10.061 -0.792  -0.862  1.00 15.40 ? 26  VAL A C   1 
ATOM   191 O  O   . VAL A 1 26 ? -10.807 -1.763  -1.054  1.00 16.38 ? 26  VAL A O   1 
ATOM   192 C  CB  . VAL A 1 26 ? -11.504 1.105   -1.709  1.00 15.26 ? 26  VAL A CB  1 
ATOM   193 C  CG1 . VAL A 1 26 ? -12.254 2.404   -1.319  1.00 17.60 ? 26  VAL A CG1 1 
ATOM   194 C  CG2 . VAL A 1 26 ? -10.603 1.400   -2.968  1.00 15.25 ? 26  VAL A CG2 1 
ATOM   195 N  N   . ASP A 1 27 ? -8.745  -0.883  -1.020  1.00 12.96 ? 27  ASP A N   1 
ATOM   196 C  CA  . ASP A 1 27 ? -8.129  -2.159  -1.421  1.00 14.51 ? 27  ASP A CA  1 
ATOM   197 C  C   . ASP A 1 27 ? -6.654  -2.062  -1.081  1.00 14.75 ? 27  ASP A C   1 
ATOM   198 O  O   . ASP A 1 27 ? -6.123  -0.990  -0.714  1.00 14.15 ? 27  ASP A O   1 
ATOM   199 C  CB  . ASP A 1 27 ? -8.361  -2.409  -2.925  1.00 12.80 ? 27  ASP A CB  1 
ATOM   200 C  CG  . ASP A 1 27 ? -8.034  -3.862  -3.393  1.00 19.19 ? 27  ASP A CG  1 
ATOM   201 O  OD1 . ASP A 1 27 ? -7.799  -4.770  -2.595  1.00 17.53 ? 27  ASP A OD1 1 
ATOM   202 O  OD2 . ASP A 1 27 ? -8.044  -4.108  -4.643  1.00 17.46 ? 27  ASP A OD2 1 
ATOM   203 N  N   . TYR A 1 28 ? -5.960  -3.187  -1.128  1.00 15.81 ? 28  TYR A N   1 
ATOM   204 C  CA  . TYR A 1 28 ? -4.522  -3.122  -0.939  1.00 13.98 ? 28  TYR A CA  1 
ATOM   205 C  C   . TYR A 1 28 ? -3.890  -4.327  -1.673  1.00 13.99 ? 28  TYR A C   1 
ATOM   206 O  O   . TYR A 1 28 ? -4.621  -5.324  -2.108  1.00 14.22 ? 28  TYR A O   1 
ATOM   207 C  CB  . TYR A 1 28 ? -4.166  -3.216  0.595   1.00 14.04 ? 28  TYR A CB  1 
ATOM   208 C  CG  . TYR A 1 28 ? -4.152  -4.676  1.070   1.00 15.65 ? 28  TYR A CG  1 
ATOM   209 C  CD1 . TYR A 1 28 ? -2.939  -5.396  1.257   1.00 15.74 ? 28  TYR A CD1 1 
ATOM   210 C  CD2 . TYR A 1 28 ? -5.353  -5.381  1.260   1.00 18.80 ? 28  TYR A CD2 1 
ATOM   211 C  CE1 . TYR A 1 28 ? -2.937  -6.704  1.674   1.00 16.08 ? 28  TYR A CE1 1 
ATOM   212 C  CE2 . TYR A 1 28 ? -5.361  -6.725  1.649   1.00 17.98 ? 28  TYR A CE2 1 
ATOM   213 C  CZ  . TYR A 1 28 ? -4.143  -7.371  1.849   1.00 18.90 ? 28  TYR A CZ  1 
ATOM   214 O  OH  . TYR A 1 28 ? -4.210  -8.710  2.215   1.00 21.46 ? 28  TYR A OH  1 
ATOM   215 N  N   . TYR A 1 29 ? -2.548  -4.257  -1.804  1.00 14.16 ? 29  TYR A N   1 
ATOM   216 C  CA  . TYR A 1 29 ? -1.732  -5.428  -2.026  1.00 15.40 ? 29  TYR A CA  1 
ATOM   217 C  C   . TYR A 1 29 ? -0.362  -5.239  -1.397  1.00 15.91 ? 29  TYR A C   1 
ATOM   218 O  O   . TYR A 1 29 ? 0.048   -4.108  -1.099  1.00 15.94 ? 29  TYR A O   1 
ATOM   219 C  CB  . TYR A 1 29 ? -1.602  -5.719  -3.535  1.00 16.74 ? 29  TYR A CB  1 
ATOM   220 C  CG  . TYR A 1 29 ? -0.900  -4.706  -4.371  1.00 18.14 ? 29  TYR A CG  1 
ATOM   221 C  CD1 . TYR A 1 29 ? 0.496   -4.765  -4.545  1.00 19.36 ? 29  TYR A CD1 1 
ATOM   222 C  CD2 . TYR A 1 29 ? -1.639  -3.753  -5.103  1.00 15.68 ? 29  TYR A CD2 1 
ATOM   223 C  CE1 . TYR A 1 29 ? 1.151   -3.849  -5.396  1.00 18.40 ? 29  TYR A CE1 1 
ATOM   224 C  CE2 . TYR A 1 29 ? -1.011  -2.848  -5.956  1.00 17.99 ? 29  TYR A CE2 1 
ATOM   225 C  CZ  . TYR A 1 29 ? 0.385   -2.906  -6.078  1.00 18.70 ? 29  TYR A CZ  1 
ATOM   226 O  OH  . TYR A 1 29 ? 0.972   -2.026  -6.912  1.00 21.07 ? 29  TYR A OH  1 
ATOM   227 N  N   . GLU A 1 30 ? 0.326   -6.369  -1.234  1.00 17.16 ? 30  GLU A N   1 
ATOM   228 C  CA  . GLU A 1 30 ? 1.726   -6.368  -0.735  1.00 17.32 ? 30  GLU A CA  1 
ATOM   229 C  C   . GLU A 1 30 ? 2.664   -6.461  -1.908  1.00 17.11 ? 30  GLU A C   1 
ATOM   230 O  O   . GLU A 1 30 ? 2.453   -7.286  -2.788  1.00 17.47 ? 30  GLU A O   1 
ATOM   231 C  CB  . GLU A 1 30 ? 1.914   -7.665  0.078   1.00 20.18 ? 30  GLU A CB  1 
ATOM   232 C  CG  . GLU A 1 30 ? 1.104   -7.732  1.329   1.00 24.90 ? 30  GLU A CG  1 
ATOM   233 C  CD  . GLU A 1 30 ? 1.175   -9.100  1.977   1.00 33.23 ? 30  GLU A CD  1 
ATOM   234 O  OE1 . GLU A 1 30 ? 2.309   -9.680  2.054   1.00 36.41 ? 30  GLU A OE1 1 
ATOM   235 O  OE2 . GLU A 1 30 ? 0.081   -9.565  2.383   1.00 34.80 ? 30  GLU A OE2 1 
ATOM   236 N  N   . THR A 1 31 ? 3.771   -5.702  -1.897  1.00 16.54 ? 31  THR A N   1 
ATOM   237 C  CA  . THR A 1 31 ? 4.719   -5.836  -2.977  1.00 16.11 ? 31  THR A CA  1 
ATOM   238 C  C   . THR A 1 31 ? 5.611   -7.073  -2.806  1.00 15.15 ? 31  THR A C   1 
ATOM   239 O  O   . THR A 1 31 ? 5.870   -7.533  -1.660  1.00 15.68 ? 31  THR A O   1 
ATOM   240 C  CB  . THR A 1 31 ? 5.579   -4.575  -3.166  1.00 15.68 ? 31  THR A CB  1 
ATOM   241 O  OG1 . THR A 1 31 ? 6.206   -4.230  -1.921  1.00 17.30 ? 31  THR A OG1 1 
ATOM   242 C  CG2 . THR A 1 31 ? 4.686   -3.388  -3.571  1.00 18.35 ? 31  THR A CG2 1 
ATOM   243 N  N   . SER A 1 32 ? 6.102   -7.569  -3.934  1.00 15.16 ? 32  SER A N   1 
ATOM   244 C  CA  . SER A 1 32 ? 6.952   -8.765  -4.035  1.00 14.81 ? 32  SER A CA  1 
ATOM   245 C  C   . SER A 1 32 ? 8.242   -8.619  -3.255  1.00 15.51 ? 32  SER A C   1 
ATOM   246 O  O   . SER A 1 32 ? 8.815   -7.494  -3.226  1.00 15.40 ? 32  SER A O   1 
ATOM   247 C  CB  . SER A 1 32 ? 7.372   -8.870  -5.497  1.00 14.61 ? 32  SER A CB  1 
ATOM   248 O  OG  . SER A 1 32 ? 8.192   -9.988  -5.698  1.00 16.82 ? 32  SER A OG  1 
ATOM   249 N  N   . SER A 1 33 ? 8.747   -9.749  -2.734  1.00 15.74 ? 33  SER A N   1 
ATOM   250 C  CA  . SER A 1 33 ? 10.054  -9.784  -2.083  1.00 15.56 ? 33  SER A CA  1 
ATOM   251 C  C   . SER A 1 33 ? 11.145  -9.513  -3.094  1.00 15.07 ? 33  SER A C   1 
ATOM   252 O  O   . SER A 1 33 ? 12.242  -9.210  -2.681  1.00 16.33 ? 33  SER A O   1 
ATOM   253 C  CB  . SER A 1 33 ? 10.320  -11.163 -1.504  1.00 16.44 ? 33  SER A CB  1 
ATOM   254 O  OG  . SER A 1 33 ? 10.001  -12.167 -2.476  1.00 18.48 ? 33  SER A OG  1 
ATOM   255 N  N   . LEU A 1 34 ? 10.881  -9.584  -4.399  1.00 13.64 ? 34  LEU A N   1 
ATOM   256 C  CA  . LEU A 1 34 ? 11.916  -9.174  -5.391  1.00 14.18 ? 34  LEU A CA  1 
ATOM   257 C  C   . LEU A 1 34 ? 12.246  -7.644  -5.420  1.00 14.39 ? 34  LEU A C   1 
ATOM   258 O  O   . LEU A 1 34 ? 13.341  -7.225  -5.894  1.00 15.04 ? 34  LEU A O   1 
ATOM   259 C  CB  . LEU A 1 34 ? 11.546  -9.585  -6.814  1.00 14.96 ? 34  LEU A CB  1 
ATOM   260 C  CG  . LEU A 1 34 ? 11.426  -11.073 -7.025  1.00 14.36 ? 34  LEU A CG  1 
ATOM   261 C  CD1 . LEU A 1 34 ? 10.911  -11.250 -8.515  1.00 15.59 ? 34  LEU A CD1 1 
ATOM   262 C  CD2 . LEU A 1 34 ? 12.632  -11.898 -6.793  1.00 15.21 ? 34  LEU A CD2 1 
ATOM   263 N  N   . CYS A 1 35 ? 11.304  -6.824  -4.893  1.00 15.10 ? 35  CYS A N   1 
ATOM   264 C  CA  . CYS A 1 35 ? 11.485  -5.356  -4.802  1.00 15.73 ? 35  CYS A CA  1 
ATOM   265 C  C   . CYS A 1 35 ? 12.561  -4.993  -3.790  1.00 17.14 ? 35  CYS A C   1 
ATOM   266 O  O   . CYS A 1 35 ? 12.905  -5.763  -2.906  1.00 18.33 ? 35  CYS A O   1 
ATOM   267 C  CB  . CYS A 1 35 ? 10.251  -4.686  -4.309  1.00 14.55 ? 35  CYS A CB  1 
ATOM   268 S  SG  . CYS A 1 35 ? 8.852   -4.961  -5.458  1.00 16.72 ? 35  CYS A SG  1 
ATOM   269 N  N   . SER A 1 36 ? 13.112  -3.807  -3.937  1.00 18.48 ? 36  SER A N   1 
ATOM   270 C  CA  . SER A 1 36 ? 14.228  -3.417  -3.074  1.00 18.24 ? 36  SER A CA  1 
ATOM   271 C  C   . SER A 1 36 ? 13.793  -3.172  -1.663  1.00 18.55 ? 36  SER A C   1 
ATOM   272 O  O   . SER A 1 36 ? 14.633  -3.272  -0.723  1.00 17.65 ? 36  SER A O   1 
ATOM   273 C  CB  . SER A 1 36 ? 14.867  -2.117  -3.610  1.00 19.21 ? 36  SER A CB  1 
ATOM   274 O  OG  . SER A 1 36 ? 13.928  -1.020  -3.655  1.00 19.96 ? 36  SER A OG  1 
ATOM   275 N  N   . GLN A 1 37 ? 12.536  -2.786  -1.475  1.00 18.14 ? 37  GLN A N   1 
ATOM   276 C  CA  . GLN A 1 37 ? 12.003  -2.645  -0.091  1.00 18.74 ? 37  GLN A CA  1 
ATOM   277 C  C   . GLN A 1 37 ? 10.561  -3.127  0.092   1.00 17.97 ? 37  GLN A C   1 
ATOM   278 O  O   . GLN A 1 37 ? 9.776   -3.137  -0.859  1.00 19.05 ? 37  GLN A O   1 
ATOM   279 C  CB  . GLN A 1 37 ? 12.122  -1.214  0.406   1.00 20.14 ? 37  GLN A CB  1 
ATOM   280 C  CG  . GLN A 1 37 ? 11.113  -0.277  -0.214  1.00 22.66 ? 37  GLN A CG  1 
ATOM   281 C  CD  . GLN A 1 37 ? 11.497  1.150   0.040   1.00 29.11 ? 37  GLN A CD  1 
ATOM   282 O  OE1 . GLN A 1 37 ? 12.592  1.400   0.538   1.00 37.79 ? 37  GLN A OE1 1 
ATOM   283 N  NE2 . GLN A 1 37 ? 10.628  2.086   -0.284  1.00 28.76 ? 37  GLN A NE2 1 
ATOM   284 N  N   . PRO A 1 38 ? 10.203  -3.546  1.323   1.00 18.07 ? 38  PRO A N   1 
ATOM   285 C  CA  . PRO A 1 38 ? 8.843   -4.062  1.569   1.00 17.36 ? 38  PRO A CA  1 
ATOM   286 C  C   . PRO A 1 38 ? 7.819   -2.884  1.480   1.00 18.19 ? 38  PRO A C   1 
ATOM   287 O  O   . PRO A 1 38 ? 8.155   -1.726  1.839   1.00 18.49 ? 38  PRO A O   1 
ATOM   288 C  CB  . PRO A 1 38 ? 8.914   -4.651  3.005   1.00 17.50 ? 38  PRO A CB  1 
ATOM   289 C  CG  . PRO A 1 38 ? 10.341  -4.562  3.442   1.00 20.89 ? 38  PRO A CG  1 
ATOM   290 C  CD  . PRO A 1 38 ? 11.037  -3.539  2.553   1.00 17.91 ? 38  PRO A CD  1 
ATOM   291 N  N   . ALA A 1 39 ? 6.604   -3.161  1.041   1.00 15.53 ? 39  ALA A N   1 
ATOM   292 C  CA  . ALA A 1 39 ? 5.622   -2.113  0.965   1.00 15.80 ? 39  ALA A CA  1 
ATOM   293 C  C   . ALA A 1 39 ? 4.250   -2.724  0.831   1.00 16.58 ? 39  ALA A C   1 
ATOM   294 O  O   . ALA A 1 39 ? 4.087   -3.822  0.274   1.00 18.60 ? 39  ALA A O   1 
ATOM   295 C  CB  . ALA A 1 39 ? 5.922   -1.200  -0.255  1.00 17.84 ? 39  ALA A CB  1 
ATOM   296 N  N   . VAL A 1 40 ? 3.278   -2.022  1.401   1.00 16.25 ? 40  VAL A N   1 
ATOM   297 C  CA  . VAL A 1 40 ? 1.855   -2.234  1.134   1.00 16.09 ? 40  VAL A CA  1 
ATOM   298 C  C   . VAL A 1 40 ? 1.388   -1.085  0.180   1.00 15.34 ? 40  VAL A C   1 
ATOM   299 O  O   . VAL A 1 40 ? 1.756   0.083   0.353   1.00 17.05 ? 40  VAL A O   1 
ATOM   300 C  CB  . VAL A 1 40 ? 1.006   -2.225  2.455   1.00 15.84 ? 40  VAL A CB  1 
ATOM   301 C  CG1 . VAL A 1 40 ? -0.522  -2.077  2.138   1.00 15.62 ? 40  VAL A CG1 1 
ATOM   302 C  CG2 . VAL A 1 40 ? 1.324   -3.480  3.316   1.00 15.81 ? 40  VAL A CG2 1 
ATOM   303 N  N   . VAL A 1 41 ? 0.595   -1.406  -0.831  1.00 13.42 ? 41  VAL A N   1 
ATOM   304 C  CA  . VAL A 1 41 ? 0.103   -0.383  -1.731  1.00 14.96 ? 41  VAL A CA  1 
ATOM   305 C  C   . VAL A 1 41 ? -1.406  -0.298  -1.548  1.00 13.88 ? 41  VAL A C   1 
ATOM   306 O  O   . VAL A 1 41 ? -2.122  -1.268  -1.771  1.00 16.02 ? 41  VAL A O   1 
ATOM   307 C  CB  . VAL A 1 41 ? 0.426   -0.765  -3.226  1.00 14.02 ? 41  VAL A CB  1 
ATOM   308 C  CG1 . VAL A 1 41 ? -0.225  0.190   -4.226  1.00 17.93 ? 41  VAL A CG1 1 
ATOM   309 C  CG2 . VAL A 1 41 ? 1.915   -0.743  -3.470  1.00 16.89 ? 41  VAL A CG2 1 
ATOM   310 N  N   . PHE A 1 42 ? -1.883  0.839   -1.094  1.00 12.76 ? 42  PHE A N   1 
ATOM   311 C  CA  . PHE A 1 42 ? -3.344  1.022   -0.856  1.00 13.67 ? 42  PHE A CA  1 
ATOM   312 C  C   . PHE A 1 42 ? -3.987  1.733   -2.039  1.00 14.22 ? 42  PHE A C   1 
ATOM   313 O  O   . PHE A 1 42 ? -3.469  2.702   -2.571  1.00 15.55 ? 42  PHE A O   1 
ATOM   314 C  CB  . PHE A 1 42 ? -3.613  1.880   0.380   1.00 14.01 ? 42  PHE A CB  1 
ATOM   315 C  CG  . PHE A 1 42 ? -3.289  1.201   1.717   1.00 13.38 ? 42  PHE A CG  1 
ATOM   316 C  CD1 . PHE A 1 42 ? -3.999  0.099   2.135   1.00 13.21 ? 42  PHE A CD1 1 
ATOM   317 C  CD2 . PHE A 1 42 ? -2.272  1.679   2.541   1.00 13.58 ? 42  PHE A CD2 1 
ATOM   318 C  CE1 . PHE A 1 42 ? -3.750  -0.552  3.358   1.00 13.85 ? 42  PHE A CE1 1 
ATOM   319 C  CE2 . PHE A 1 42 ? -2.016  1.039   3.814   1.00 15.59 ? 42  PHE A CE2 1 
ATOM   320 C  CZ  . PHE A 1 42 ? -2.721  -0.064  4.215   1.00 14.82 ? 42  PHE A CZ  1 
ATOM   321 N  N   . GLN A 1 43 ? -5.156  1.270   -2.436  1.00 12.25 ? 43  GLN A N   1 
ATOM   322 C  CA  . GLN A 1 43 ? -5.907  1.923   -3.491  1.00 13.87 ? 43  GLN A CA  1 
ATOM   323 C  C   . GLN A 1 43 ? -6.931  2.837   -2.790  1.00 13.35 ? 43  GLN A C   1 
ATOM   324 O  O   . GLN A 1 43 ? -7.555  2.461   -1.745  1.00 14.00 ? 43  GLN A O   1 
ATOM   325 C  CB  . GLN A 1 43 ? -6.690  0.856   -4.192  1.00 14.91 ? 43  GLN A CB  1 
ATOM   326 C  CG  . GLN A 1 43 ? -7.518  1.291   -5.427  1.00 16.50 ? 43  GLN A CG  1 
ATOM   327 C  CD  . GLN A 1 43 ? -8.092  0.057   -6.121  1.00 24.60 ? 43  GLN A CD  1 
ATOM   328 O  OE1 . GLN A 1 43 ? -7.381  -0.877  -6.398  1.00 24.48 ? 43  GLN A OE1 1 
ATOM   329 N  NE2 . GLN A 1 43 ? -9.412  0.054   -6.376  1.00 33.31 ? 43  GLN A NE2 1 
ATOM   330 N  N   . THR A 1 44 ? -7.167  4.000   -3.392  1.00 14.85 ? 44  THR A N   1 
ATOM   331 C  CA  . THR A 1 44 ? -8.040  5.005   -2.766  1.00 12.48 ? 44  THR A CA  1 
ATOM   332 C  C   . THR A 1 44 ? -9.214  5.383   -3.639  1.00 13.90 ? 44  THR A C   1 
ATOM   333 O  O   . THR A 1 44 ? -9.300  5.009   -4.820  1.00 16.15 ? 44  THR A O   1 
ATOM   334 C  CB  . THR A 1 44 ? -7.295  6.339   -2.420  1.00 13.54 ? 44  THR A CB  1 
ATOM   335 O  OG1 . THR A 1 44 ? -6.935  6.969   -3.662  1.00 14.48 ? 44  THR A OG1 1 
ATOM   336 C  CG2 . THR A 1 44 ? -6.035  6.092   -1.571  1.00 16.53 ? 44  THR A CG2 1 
ATOM   337 N  N   . LYS A 1 45 ? -10.140 6.079   -3.028  1.00 13.81 ? 45  LYS A N   1 
ATOM   338 C  CA  . LYS A 1 45 ? -11.338 6.481   -3.762  1.00 17.02 ? 45  LYS A CA  1 
ATOM   339 C  C   . LYS A 1 45 ? -11.073 7.477   -4.901  1.00 17.15 ? 45  LYS A C   1 
ATOM   340 O  O   . LYS A 1 45 ? -11.878 7.636   -5.806  1.00 18.56 ? 45  LYS A O   1 
ATOM   341 C  CB  . LYS A 1 45 ? -12.379 7.017   -2.785  1.00 17.14 ? 45  LYS A CB  1 
ATOM   342 C  CG  . LYS A 1 45 ? -13.054 5.854   -2.090  1.00 15.79 ? 45  LYS A CG  1 
ATOM   343 C  CD  . LYS A 1 45 ? -14.200 6.271   -1.227  1.00 19.07 ? 45  LYS A CD  1 
ATOM   344 C  CE  . LYS A 1 45 ? -14.805 5.023   -0.493  1.00 24.55 ? 45  LYS A CE  1 
ATOM   345 N  NZ  . LYS A 1 45 ? -15.757 5.381   0.656   1.00 25.21 ? 45  LYS A NZ  1 
ATOM   346 N  N   . ARG A 1 46 ? -9.928  8.189   -4.842  1.00 15.03 ? 46  ARG A N   1 
ATOM   347 C  CA  . ARG A 1 46 ? -9.476  9.054   -5.925  1.00 15.91 ? 46  ARG A CA  1 
ATOM   348 C  C   . ARG A 1 46 ? -8.686  8.261   -6.955  1.00 17.41 ? 46  ARG A C   1 
ATOM   349 O  O   . ARG A 1 46 ? -8.041  8.832   -7.859  1.00 17.43 ? 46  ARG A O   1 
ATOM   350 C  CB  . ARG A 1 46 ? -8.664  10.224  -5.320  1.00 15.25 ? 46  ARG A CB  1 
ATOM   351 C  CG  . ARG A 1 46 ? -9.608  11.296  -4.779  1.00 15.54 ? 46  ARG A CG  1 
ATOM   352 C  CD  . ARG A 1 46 ? -8.917  12.550  -4.189  1.00 17.36 ? 46  ARG A CD  1 
ATOM   353 N  NE  . ARG A 1 46 ? -8.063  13.086  -5.220  1.00 16.75 ? 46  ARG A NE  1 
ATOM   354 C  CZ  . ARG A 1 46 ? -6.720  13.091  -5.223  1.00 19.65 ? 46  ARG A CZ  1 
ATOM   355 N  NH1 . ARG A 1 46 ? -6.023  12.640  -4.165  1.00 16.05 ? 46  ARG A NH1 1 
ATOM   356 N  NH2 . ARG A 1 46 ? -6.080  13.580  -6.290  1.00 19.79 ? 46  ARG A NH2 1 
ATOM   357 N  N   . SER A 1 47 ? -8.782  6.922   -6.895  1.00 17.95 ? 47  SER A N   1 
ATOM   358 C  CA  . SER A 1 47 ? -8.135  6.066   -7.877  1.00 19.04 ? 47  SER A CA  1 
ATOM   359 C  C   . SER A 1 47 ? -6.621  6.091   -7.839  1.00 19.02 ? 47  SER A C   1 
ATOM   360 O  O   . SER A 1 47 ? -5.940  5.713   -8.819  1.00 21.53 ? 47  SER A O   1 
ATOM   361 C  CB  . SER A 1 47 ? -8.622  6.370   -9.315  1.00 20.63 ? 47  SER A CB  1 
ATOM   362 O  OG  . SER A 1 47 ? -10.032 6.303   -9.405  1.00 25.70 ? 47  SER A OG  1 
ATOM   363 N  N   . LYS A 1 48 ? -6.047  6.459   -6.706  1.00 15.63 ? 48  LYS A N   1 
ATOM   364 C  CA  . LYS A 1 48 ? -4.624  6.373   -6.547  1.00 16.42 ? 48  LYS A CA  1 
ATOM   365 C  C   . LYS A 1 48 ? -4.165  5.038   -5.990  1.00 16.69 ? 48  LYS A C   1 
ATOM   366 O  O   . LYS A 1 48 ? -4.936  4.377   -5.291  1.00 17.27 ? 48  LYS A O   1 
ATOM   367 C  CB  . LYS A 1 48 ? -4.148  7.474   -5.591  1.00 14.82 ? 48  LYS A CB  1 
ATOM   368 C  CG  . LYS A 1 48 ? -4.674  8.852   -5.931  1.00 19.33 ? 48  LYS A CG  1 
ATOM   369 C  CD  . LYS A 1 48 ? -4.299  9.203   -7.444  1.00 19.10 ? 48  LYS A CD  1 
ATOM   370 C  CE  . LYS A 1 48 ? -4.812  10.639  -7.740  1.00 23.39 ? 48  LYS A CE  1 
ATOM   371 N  NZ  . LYS A 1 48 ? -4.130  11.164  -8.934  1.00 27.48 ? 48  LYS A NZ  1 
ATOM   372 N  N   . GLN A 1 49 ? -2.890  4.725   -6.185  1.00 15.91 ? 49  GLN A N   1 
ATOM   373 C  CA  . GLN A 1 49 ? -2.282  3.595   -5.575  1.00 15.83 ? 49  GLN A CA  1 
ATOM   374 C  C   . GLN A 1 49 ? -1.148  4.170   -4.754  1.00 15.65 ? 49  GLN A C   1 
ATOM   375 O  O   . GLN A 1 49 ? -0.286  4.869   -5.316  1.00 17.04 ? 49  GLN A O   1 
ATOM   376 C  CB  . GLN A 1 49 ? -1.734  2.619   -6.608  1.00 16.25 ? 49  GLN A CB  1 
ATOM   377 C  CG  . GLN A 1 49 ? -2.871  2.070   -7.494  1.00 17.37 ? 49  GLN A CG  1 
ATOM   378 C  CD  . GLN A 1 49 ? -3.713  1.019   -6.830  1.00 24.88 ? 49  GLN A CD  1 
ATOM   379 O  OE1 . GLN A 1 49 ? -3.449  0.618   -5.740  1.00 23.64 ? 49  GLN A OE1 1 
ATOM   380 N  NE2 . GLN A 1 49 ? -4.792  0.615   -7.477  1.00 18.65 ? 49  GLN A NE2 1 
ATOM   381 N  N   . VAL A 1 50 ? -1.179  3.951   -3.448  1.00 17.17 ? 50  VAL A N   1 
ATOM   382 C  CA  . VAL A 1 50 ? -0.285  4.692   -2.540  1.00 15.84 ? 50  VAL A CA  1 
ATOM   383 C  C   . VAL A 1 50 ? 0.560   3.739   -1.765  1.00 16.42 ? 50  VAL A C   1 
ATOM   384 O  O   . VAL A 1 50 ? 0.045   2.910   -1.051  1.00 16.61 ? 50  VAL A O   1 
ATOM   385 C  CB  . VAL A 1 50 ? -1.100  5.492   -1.522  1.00 16.75 ? 50  VAL A CB  1 
ATOM   386 C  CG1 . VAL A 1 50 ? -0.213  6.368   -0.623  1.00 16.49 ? 50  VAL A CG1 1 
ATOM   387 C  CG2 . VAL A 1 50 ? -2.146  6.360   -2.240  1.00 18.07 ? 50  VAL A CG2 1 
ATOM   388 N  N   . CYS A 1 51 ? 1.874   3.863   -1.906  1.00 17.05 ? 51  CYS A N   1 
ATOM   389 C  CA  . CYS A 1 51 ? 2.832   3.089   -1.096  1.00 17.26 ? 51  CYS A CA  1 
ATOM   390 C  C   . CYS A 1 51 ? 2.890   3.472   0.341   1.00 17.23 ? 51  CYS A C   1 
ATOM   391 O  O   . CYS A 1 51 ? 2.959   4.661   0.667   1.00 17.31 ? 51  CYS A O   1 
ATOM   392 C  CB  . CYS A 1 51 ? 4.249   3.298   -1.670  1.00 17.19 ? 51  CYS A CB  1 
ATOM   393 S  SG  . CYS A 1 51 ? 4.388   2.742   -3.420  1.00 22.64 ? 51  CYS A SG  1 
ATOM   394 N  N   . ALA A 1 52 ? 2.988   2.453   1.200   1.00 16.16 ? 52  ALA A N   1 
ATOM   395 C  CA  . ALA A 1 52 ? 2.994   2.679   2.638   1.00 17.25 ? 52  ALA A CA  1 
ATOM   396 C  C   . ALA A 1 52 ? 3.878   1.704   3.340   1.00 16.73 ? 52  ALA A C   1 
ATOM   397 O  O   . ALA A 1 52 ? 4.070   0.563   2.863   1.00 16.18 ? 52  ALA A O   1 
ATOM   398 C  CB  . ALA A 1 52 ? 1.558   2.632   3.188   1.00 18.04 ? 52  ALA A CB  1 
ATOM   399 N  N   . ASP A 1 53 ? 4.483   2.175   4.452   1.00 17.09 ? 53  ASP A N   1 
ATOM   400 C  CA  . ASP A 1 53 ? 5.465   1.385   5.213   1.00 19.21 ? 53  ASP A CA  1 
ATOM   401 C  C   . ASP A 1 53 ? 4.758   0.350   6.107   1.00 19.21 ? 53  ASP A C   1 
ATOM   402 O  O   . ASP A 1 53 ? 4.022   0.715   7.021   1.00 18.26 ? 53  ASP A O   1 
ATOM   403 C  CB  . ASP A 1 53 ? 6.272   2.375   6.030   1.00 20.77 ? 53  ASP A CB  1 
ATOM   404 C  CG  . ASP A 1 53 ? 7.410   1.723   6.801   1.00 24.88 ? 53  ASP A CG  1 
ATOM   405 O  OD1 . ASP A 1 53 ? 7.480   0.470   6.874   1.00 26.41 ? 53  ASP A OD1 1 
ATOM   406 O  OD2 . ASP A 1 53 ? 8.260   2.507   7.293   1.00 30.81 ? 53  ASP A OD2 1 
ATOM   407 N  N   . PRO A 1 54 ? 4.955   -0.944  5.832   1.00 19.65 ? 54  PRO A N   1 
ATOM   408 C  CA  . PRO A 1 54 ? 4.232   -1.998  6.553   1.00 20.53 ? 54  PRO A CA  1 
ATOM   409 C  C   . PRO A 1 54 ? 4.662   -2.085  8.008   1.00 19.81 ? 54  PRO A C   1 
ATOM   410 O  O   . PRO A 1 54 ? 4.040   -2.747  8.791   1.00 19.60 ? 54  PRO A O   1 
ATOM   411 C  CB  . PRO A 1 54 ? 4.624   -3.285  5.796   1.00 23.28 ? 54  PRO A CB  1 
ATOM   412 C  CG  . PRO A 1 54 ? 5.410   -2.831  4.570   1.00 21.18 ? 54  PRO A CG  1 
ATOM   413 C  CD  . PRO A 1 54 ? 5.909   -1.458  4.844   1.00 21.29 ? 54  PRO A CD  1 
ATOM   414 N  N   . SER A 1 55 ? 5.700   -1.358  8.387   1.00 18.30 ? 55  SER A N   1 
ATOM   415 C  CA  . SER A 1 55 ? 6.048   -1.368  9.786   1.00 20.07 ? 55  SER A CA  1 
ATOM   416 C  C   . SER A 1 55 ? 5.229   -0.388  10.616  1.00 20.21 ? 55  SER A C   1 
ATOM   417 O  O   . SER A 1 55 ? 5.294   -0.417  11.879  1.00 21.33 ? 55  SER A O   1 
ATOM   418 C  CB  . SER A 1 55 ? 7.542   -1.061  9.949   1.00 21.92 ? 55  SER A CB  1 
ATOM   419 O  OG  . SER A 1 55 ? 7.763   0.347   9.912   1.00 26.44 ? 55  SER A OG  1 
ATOM   420 N  N   . GLU A 1 56 ? 4.490   0.503   9.966   1.00 18.82 ? 56  GLU A N   1 
ATOM   421 C  CA  . GLU A 1 56 ? 3.543   1.416   10.669  1.00 18.74 ? 56  GLU A CA  1 
ATOM   422 C  C   . GLU A 1 56 ? 2.291   0.707   11.144  1.00 18.75 ? 56  GLU A C   1 
ATOM   423 O  O   . GLU A 1 56 ? 1.734   -0.122  10.419  1.00 17.48 ? 56  GLU A O   1 
ATOM   424 C  CB  . GLU A 1 56 ? 3.120   2.586   9.756   1.00 19.92 ? 56  GLU A CB  1 
ATOM   425 C  CG  . GLU A 1 56 ? 4.285   3.456   9.315   1.00 27.10 ? 56  GLU A CG  1 
ATOM   426 C  CD  . GLU A 1 56 ? 4.467   4.716   10.137  1.00 41.71 ? 56  GLU A CD  1 
ATOM   427 O  OE1 . GLU A 1 56 ? 3.791   4.908   11.195  1.00 45.09 ? 56  GLU A OE1 1 
ATOM   428 O  OE2 . GLU A 1 56 ? 5.315   5.544   9.699   1.00 45.86 ? 56  GLU A OE2 1 
ATOM   429 N  N   . SER A 1 57 ? 1.855   1.000   12.361  1.00 18.39 ? 57  SER A N   1 
ATOM   430 C  CA  . SER A 1 57 ? 0.759   0.283   12.967  1.00 18.49 ? 57  SER A CA  1 
ATOM   431 C  C   . SER A 1 57 ? -0.485  0.415   12.142  1.00 17.72 ? 57  SER A C   1 
ATOM   432 O  O   . SER A 1 57 ? -1.199  -0.569  11.927  1.00 17.66 ? 57  SER A O   1 
ATOM   433 C  CB  . SER A 1 57 ? 0.528   0.836   14.378  1.00 18.88 ? 57  SER A CB  1 
ATOM   434 O  OG  . SER A 1 57 ? 1.551   0.278   15.182  1.00 25.33 ? 57  SER A OG  1 
ATOM   435 N  N   . TRP A 1 58 ? -0.760  1.627   11.724  1.00 17.48 ? 58  TRP A N   1 
ATOM   436 C  CA  . TRP A 1 58 ? -2.002  1.884   10.995  1.00 15.69 ? 58  TRP A CA  1 
ATOM   437 C  C   . TRP A 1 58 ? -2.050  1.123   9.686   1.00 16.02 ? 58  TRP A C   1 
ATOM   438 O  O   . TRP A 1 58 ? -3.153  0.670   9.246   1.00 15.93 ? 58  TRP A O   1 
ATOM   439 C  CB  . TRP A 1 58 ? -2.253  3.366   10.813  1.00 14.47 ? 58  TRP A CB  1 
ATOM   440 C  CG  . TRP A 1 58 ? -1.380  3.995   9.726   1.00 17.75 ? 58  TRP A CG  1 
ATOM   441 C  CD1 . TRP A 1 58 ? -0.176  4.604   9.925   1.00 18.48 ? 58  TRP A CD1 1 
ATOM   442 C  CD2 . TRP A 1 58 ? -1.635  4.055   8.298   1.00 16.76 ? 58  TRP A CD2 1 
ATOM   443 N  NE1 . TRP A 1 58 ? 0.302   5.102   8.720   1.00 20.50 ? 58  TRP A NE1 1 
ATOM   444 C  CE2 . TRP A 1 58 ? -0.557  4.743   7.704   1.00 17.68 ? 58  TRP A CE2 1 
ATOM   445 C  CE3 . TRP A 1 58 ? -2.670  3.592   7.484   1.00 15.84 ? 58  TRP A CE3 1 
ATOM   446 C  CZ2 . TRP A 1 58 ? -0.470  4.969   6.310   1.00 17.55 ? 58  TRP A CZ2 1 
ATOM   447 C  CZ3 . TRP A 1 58 ? -2.581  3.832   6.076   1.00 16.31 ? 58  TRP A CZ3 1 
ATOM   448 C  CH2 . TRP A 1 58 ? -1.498  4.522   5.516   1.00 20.46 ? 58  TRP A CH2 1 
ATOM   449 N  N   . VAL A 1 59 ? -0.876  0.893   9.077   1.00 15.38 ? 59  VAL A N   1 
ATOM   450 C  CA  . VAL A 1 59 ? -0.890  0.117   7.806   1.00 15.47 ? 59  VAL A CA  1 
ATOM   451 C  C   . VAL A 1 59 ? -1.334  -1.316  8.057   1.00 15.16 ? 59  VAL A C   1 
ATOM   452 O  O   . VAL A 1 59 ? -2.180  -1.883  7.346   1.00 13.69 ? 59  VAL A O   1 
ATOM   453 C  CB  . VAL A 1 59 ? 0.506   0.172   7.113   1.00 16.18 ? 59  VAL A CB  1 
ATOM   454 C  CG1 . VAL A 1 59 ? 0.553   -0.736  5.883   1.00 16.44 ? 59  VAL A CG1 1 
ATOM   455 C  CG2 . VAL A 1 59 ? 0.822   1.601   6.751   1.00 15.34 ? 59  VAL A CG2 1 
ATOM   456 N  N   . GLN A 1 60 ? -0.779  -1.936  9.104   1.00 14.83 ? 60  GLN A N   1 
ATOM   457 C  CA  . GLN A 1 60 ? -1.218  -3.280  9.503   1.00 15.76 ? 60  GLN A CA  1 
ATOM   458 C  C   . GLN A 1 60 ? -2.700  -3.338  9.892   1.00 14.48 ? 60  GLN A C   1 
ATOM   459 O  O   . GLN A 1 60 ? -3.408  -4.270  9.486   1.00 16.11 ? 60  GLN A O   1 
ATOM   460 C  CB  . GLN A 1 60 ? -0.337  -3.729  10.693  1.00 16.04 ? 60  GLN A CB  1 
ATOM   461 C  CG  . GLN A 1 60 ? 1.119   -3.956  10.227  1.00 18.81 ? 60  GLN A CG  1 
ATOM   462 C  CD  . GLN A 1 60 ? 1.988   -4.272  11.421  1.00 18.40 ? 60  GLN A CD  1 
ATOM   463 O  OE1 . GLN A 1 60 ? 1.662   -5.183  12.200  1.00 16.55 ? 60  GLN A OE1 1 
ATOM   464 N  NE2 . GLN A 1 60 ? 3.085   -3.507  11.601  1.00 22.45 ? 60  GLN A NE2 1 
ATOM   465 N  N   . GLU A 1 61 ? -3.190  -2.327  10.622  1.00 15.20 ? 61  GLU A N   1 
ATOM   466 C  CA  . GLU A 1 61 ? -4.553  -2.345  11.104  1.00 14.27 ? 61  GLU A CA  1 
ATOM   467 C  C   . GLU A 1 61 ? -5.421  -2.271  9.859   1.00 14.27 ? 61  GLU A C   1 
ATOM   468 O  O   . GLU A 1 61 ? -6.404  -2.977  9.804   1.00 16.70 ? 61  GLU A O   1 
ATOM   469 C  CB  . GLU A 1 61 ? -4.900  -1.082  11.908  1.00 15.17 ? 61  GLU A CB  1 
ATOM   470 C  CG  . GLU A 1 61 ? -4.245  -1.036  13.293  1.00 15.41 ? 61  GLU A CG  1 
ATOM   471 C  CD  . GLU A 1 61 ? -4.477  0.339   13.942  1.00 17.30 ? 61  GLU A CD  1 
ATOM   472 O  OE1 . GLU A 1 61 ? -4.514  1.358   13.262  1.00 17.67 ? 61  GLU A OE1 1 
ATOM   473 O  OE2 . GLU A 1 61 ? -4.746  0.380   15.142  1.00 18.58 ? 61  GLU A OE2 1 
ATOM   474 N  N   . TYR A 1 62 ? -5.029  -1.449  8.874   1.00 15.13 ? 62  TYR A N   1 
ATOM   475 C  CA  . TYR A 1 62 ? -5.934  -1.317  7.682   1.00 14.08 ? 62  TYR A CA  1 
ATOM   476 C  C   . TYR A 1 62 ? -5.938  -2.559  6.862   1.00 15.34 ? 62  TYR A C   1 
ATOM   477 O  O   . TYR A 1 62 ? -7.009  -2.923  6.279   1.00 14.52 ? 62  TYR A O   1 
ATOM   478 C  CB  . TYR A 1 62 ? -5.516  -0.171  6.755   1.00 15.74 ? 62  TYR A CB  1 
ATOM   479 C  CG  . TYR A 1 62 ? -5.831  1.267   7.219   1.00 14.85 ? 62  TYR A CG  1 
ATOM   480 C  CD1 . TYR A 1 62 ? -5.865  2.317   6.277   1.00 13.52 ? 62  TYR A CD1 1 
ATOM   481 C  CD2 . TYR A 1 62 ? -6.065  1.560   8.574   1.00 13.57 ? 62  TYR A CD2 1 
ATOM   482 C  CE1 . TYR A 1 62 ? -6.135  3.662   6.672   1.00 13.00 ? 62  TYR A CE1 1 
ATOM   483 C  CE2 . TYR A 1 62 ? -6.304  2.948   8.984   1.00 15.45 ? 62  TYR A CE2 1 
ATOM   484 C  CZ  . TYR A 1 62 ? -6.372  3.950   8.003   1.00 14.78 ? 62  TYR A CZ  1 
ATOM   485 O  OH  . TYR A 1 62 ? -6.629  5.252   8.398   1.00 15.82 ? 62  TYR A OH  1 
ATOM   486 N  N   . VAL A 1 63 ? -4.773  -3.195  6.719   1.00 14.93 ? 63  VAL A N   1 
ATOM   487 C  CA  . VAL A 1 63 ? -4.705  -4.463  5.993   1.00 16.21 ? 63  VAL A CA  1 
ATOM   488 C  C   . VAL A 1 63 ? -5.588  -5.518  6.588   1.00 16.67 ? 63  VAL A C   1 
ATOM   489 O  O   . VAL A 1 63 ? -6.420  -6.134  5.889   1.00 14.59 ? 63  VAL A O   1 
ATOM   490 C  CB  . VAL A 1 63 ? -3.218  -4.952  5.821   1.00 15.84 ? 63  VAL A CB  1 
ATOM   491 C  CG1 . VAL A 1 63 ? -3.239  -6.429  5.281   1.00 16.20 ? 63  VAL A CG1 1 
ATOM   492 C  CG2 . VAL A 1 63 ? -2.489  -4.006  4.868   1.00 15.83 ? 63  VAL A CG2 1 
ATOM   493 N  N   . TYR A 1 64 ? -5.525  -5.710  7.897   1.00 15.58 ? 64  TYR A N   1 
ATOM   494 C  CA  . TYR A 1 64 ? -6.484  -6.681  8.496   1.00 15.78 ? 64  TYR A CA  1 
ATOM   495 C  C   . TYR A 1 64 ? -7.933  -6.303  8.251   1.00 16.04 ? 64  TYR A C   1 
ATOM   496 O  O   . TYR A 1 64 ? -8.772  -7.179  8.003   1.00 17.63 ? 64  TYR A O   1 
ATOM   497 C  CB  . TYR A 1 64 ? -6.368  -6.693  9.999   1.00 15.32 ? 64  TYR A CB  1 
ATOM   498 C  CG  . TYR A 1 64 ? -5.355  -7.699  10.531  1.00 18.66 ? 64  TYR A CG  1 
ATOM   499 C  CD1 . TYR A 1 64 ? -3.982  -7.530  10.323  1.00 18.50 ? 64  TYR A CD1 1 
ATOM   500 C  CD2 . TYR A 1 64 ? -5.798  -8.825  11.222  1.00 14.77 ? 64  TYR A CD2 1 
ATOM   501 C  CE1 . TYR A 1 64 ? -3.029  -8.472  10.855  1.00 21.86 ? 64  TYR A CE1 1 
ATOM   502 C  CE2 . TYR A 1 64 ? -4.837  -9.791  11.798  1.00 17.34 ? 64  TYR A CE2 1 
ATOM   503 C  CZ  . TYR A 1 64 ? -3.479  -9.589  11.569  1.00 21.53 ? 64  TYR A CZ  1 
ATOM   504 O  OH  . TYR A 1 64 ? -2.528  -10.476 12.084  1.00 18.44 ? 64  TYR A OH  1 
ATOM   505 N  N   . ASP A 1 65 ? -8.231  -5.006  8.334   1.00 16.14 ? 65  ASP A N   1 
ATOM   506 C  CA  . ASP A 1 65 ? -9.613  -4.500  8.167   1.00 16.48 ? 65  ASP A CA  1 
ATOM   507 C  C   . ASP A 1 65 ? -10.096 -4.817  6.765   1.00 15.26 ? 65  ASP A C   1 
ATOM   508 O  O   . ASP A 1 65 ? -11.233 -5.328  6.549   1.00 17.71 ? 65  ASP A O   1 
ATOM   509 C  CB  . ASP A 1 65 ? -9.643  -2.995  8.456   1.00 15.91 ? 65  ASP A CB  1 
ATOM   510 C  CG  . ASP A 1 65 ? -11.059 -2.441  8.658   1.00 20.71 ? 65  ASP A CG  1 
ATOM   511 O  OD1 . ASP A 1 65 ? -12.070 -3.225  8.674   1.00 26.50 ? 65  ASP A OD1 1 
ATOM   512 O  OD2 . ASP A 1 65 ? -11.180 -1.223  8.830   1.00 19.22 ? 65  ASP A OD2 1 
ATOM   513 N  N   . LEU A 1 66 ? -9.237  -4.636  5.785   1.00 15.79 ? 66  LEU A N   1 
ATOM   514 C  CA  . LEU A 1 66 ? -9.631  -4.929  4.373   1.00 15.28 ? 66  LEU A CA  1 
ATOM   515 C  C   . LEU A 1 66 ? -9.741  -6.430  4.103   1.00 16.20 ? 66  LEU A C   1 
ATOM   516 O  O   . LEU A 1 66 ? -10.640 -6.888  3.344   1.00 17.59 ? 66  LEU A O   1 
ATOM   517 C  CB  . LEU A 1 66 ? -8.636  -4.308  3.353   1.00 13.97 ? 66  LEU A CB  1 
ATOM   518 C  CG  . LEU A 1 66 ? -8.706  -2.788  3.387   1.00 16.05 ? 66  LEU A CG  1 
ATOM   519 C  CD1 . LEU A 1 66 ? -7.405  -2.230  2.764   1.00 19.34 ? 66  LEU A CD1 1 
ATOM   520 C  CD2 . LEU A 1 66 ? -9.964  -2.363  2.565   1.00 16.90 ? 66  LEU A CD2 1 
ATOM   521 N  N   . GLU A 1 67 ? -8.805  -7.187  4.658   1.00 16.64 ? 67  GLU A N   1 
ATOM   522 C  CA  . GLU A 1 67 ? -8.669  -8.623  4.282   1.00 18.53 ? 67  GLU A CA  1 
ATOM   523 C  C   . GLU A 1 67 ? -9.756  -9.464  4.920   1.00 21.23 ? 67  GLU A C   1 
ATOM   524 O  O   . GLU A 1 67 ? -10.291 -10.391 4.294   1.00 21.81 ? 67  GLU A O   1 
ATOM   525 C  CB  . GLU A 1 67 ? -7.258  -9.101  4.727   1.00 19.09 ? 67  GLU A CB  1 
ATOM   526 C  CG  . GLU A 1 67 ? -6.951  -10.504 4.359   1.00 24.26 ? 67  GLU A CG  1 
ATOM   527 C  CD  . GLU A 1 67 ? -6.953  -10.753 2.875   1.00 28.79 ? 67  GLU A CD  1 
ATOM   528 O  OE1 . GLU A 1 67 ? -6.389  -9.937  2.090   1.00 25.61 ? 67  GLU A OE1 1 
ATOM   529 O  OE2 . GLU A 1 67 ? -7.480  -11.838 2.495   1.00 32.79 ? 67  GLU A OE2 1 
ATOM   530 N  N   . LEU A 1 68 ? -10.091 -9.152  6.161   1.00 21.19 ? 68  LEU A N   1 
ATOM   531 C  CA  . LEU A 1 68 ? -10.901 -10.028 6.964   1.00 23.48 ? 68  LEU A CA  1 
ATOM   532 C  C   . LEU A 1 68 ? -12.292 -9.511  7.210   1.00 25.08 ? 68  LEU A C   1 
ATOM   533 O  O   . LEU A 1 68 ? -13.232 -10.312 7.417   1.00 29.13 ? 68  LEU A O   1 
ATOM   534 C  CB  . LEU A 1 68 ? -10.208 -10.219 8.290   1.00 23.46 ? 68  LEU A CB  1 
ATOM   535 C  CG  . LEU A 1 68 ? -8.869  -10.919 8.278   1.00 24.59 ? 68  LEU A CG  1 
ATOM   536 C  CD1 . LEU A 1 68 ? -8.432  -11.068 9.774   1.00 23.59 ? 68  LEU A CD1 1 
ATOM   537 C  CD2 . LEU A 1 68 ? -8.931  -12.298 7.518   1.00 23.82 ? 68  LEU A CD2 1 
HETATM 538 ZN ZN  . ZN  B 2 .  ? -7.756  -5.880  -5.018  0.50 15.84 ? 69  ZN  A ZN  1 
HETATM 539 ZN ZN  . ZN  C 2 .  ? -4.796  -0.763  16.831  1.00 17.43 ? 70  ZN  A ZN  1 
HETATM 540 ZN ZN  . ZN  D 2 .  ? -6.552  -13.040 -0.744  1.00 91.45 ? 71  ZN  A ZN  1 
HETATM 541 O  O   . HOH E 3 .  ? 3.196   -3.532  -15.191 1.00 10.86 ? 72  HOH A O   1 
HETATM 542 O  O   . HOH E 3 .  ? -7.651  -3.037  -6.780  0.50 9.72  ? 73  HOH A O   1 
HETATM 543 O  O   . HOH E 3 .  ? -2.860  -0.607  17.827  1.00 4.68  ? 74  HOH A O   1 
HETATM 544 O  O   . HOH E 3 .  ? -5.585  -2.802  16.404  1.00 4.23  ? 75  HOH A O   1 
HETATM 545 O  O   . HOH E 3 .  ? 4.883   -6.584  -6.315  1.00 17.91 ? 76  HOH A O   1 
HETATM 546 O  O   . HOH E 3 .  ? 3.322   11.813  0.977   1.00 34.81 ? 77  HOH A O   1 
HETATM 547 O  O   . HOH E 3 .  ? -3.955  -1.432  -4.162  1.00 18.66 ? 78  HOH A O   1 
HETATM 548 O  O   . HOH E 3 .  ? -3.364  -11.735 14.510  1.00 19.65 ? 79  HOH A O   1 
HETATM 549 O  O   . HOH E 3 .  ? 8.120   -2.309  -2.794  1.00 15.57 ? 80  HOH A O   1 
HETATM 550 O  O   . HOH E 3 .  ? 0.415   4.016   13.138  1.00 21.90 ? 81  HOH A O   1 
HETATM 551 O  O   . HOH E 3 .  ? -5.149  3.977   12.612  1.00 17.27 ? 82  HOH A O   1 
HETATM 552 O  O   . HOH E 3 .  ? -12.716 -8.128  6.902   1.00 29.43 ? 83  HOH A O   1 
HETATM 553 O  O   . HOH E 3 .  ? 3.628   -0.757  -16.443 1.00 28.28 ? 84  HOH A O   1 
HETATM 554 O  O   . HOH E 3 .  ? 4.197   -4.269  -12.284 1.00 18.52 ? 85  HOH A O   1 
HETATM 555 O  O   . HOH E 3 .  ? 6.971   -12.295 -2.156  1.00 20.03 ? 86  HOH A O   1 
HETATM 556 O  O   . HOH E 3 .  ? 8.512   -4.992  -11.526 1.00 20.68 ? 87  HOH A O   1 
HETATM 557 O  O   . HOH E 3 .  ? -9.577  -3.689  -7.350  1.00 22.28 ? 88  HOH A O   1 
HETATM 558 O  O   . HOH E 3 .  ? -7.466  13.262  -8.804  1.00 29.35 ? 89  HOH A O   1 
HETATM 559 O  O   . HOH E 3 .  ? 9.314   -7.126  -8.592  1.00 20.08 ? 90  HOH A O   1 
HETATM 560 O  O   . HOH E 3 .  ? 0.323   7.502   -5.131  1.00 25.01 ? 91  HOH A O   1 
HETATM 561 O  O   . HOH E 3 .  ? 11.182  -1.497  -3.766  1.00 16.67 ? 92  HOH A O   1 
HETATM 562 O  O   . HOH E 3 .  ? 7.606   -10.188 -8.216  1.00 27.67 ? 93  HOH A O   1 
HETATM 563 O  O   . HOH E 3 .  ? 2.956   6.325   -3.128  1.00 24.68 ? 94  HOH A O   1 
HETATM 564 O  O   . HOH E 3 .  ? 4.274   2.664   -13.105 1.00 25.18 ? 95  HOH A O   1 
HETATM 565 O  O   . HOH E 3 .  ? 0.761   -10.812 4.548   1.00 26.69 ? 96  HOH A O   1 
HETATM 566 O  O   . HOH E 3 .  ? -0.230  -9.282  12.403  1.00 19.90 ? 97  HOH A O   1 
HETATM 567 O  O   . HOH E 3 .  ? 8.374   -5.654  -1.473  1.00 33.93 ? 98  HOH A O   1 
HETATM 568 O  O   . HOH E 3 .  ? 4.200   -8.313  -14.043 1.00 23.74 ? 99  HOH A O   1 
HETATM 569 O  O   . HOH E 3 .  ? -0.558  -6.575  12.725  1.00 23.40 ? 100 HOH A O   1 
HETATM 570 O  O   . HOH E 3 .  ? 9.941   6.882   1.876   1.00 29.04 ? 101 HOH A O   1 
HETATM 571 O  O   . HOH E 3 .  ? -1.707  6.511   -8.394  1.00 17.42 ? 102 HOH A O   1 
HETATM 572 O  O   . HOH E 3 .  ? -4.017  12.667  4.298   1.00 18.17 ? 103 HOH A O   1 
HETATM 573 O  O   . HOH E 3 .  ? -13.130 0.263   9.792   1.00 30.05 ? 104 HOH A O   1 
HETATM 574 O  O   . HOH E 3 .  ? -7.589  -7.548  -4.175  0.50 24.29 ? 105 HOH A O   1 
HETATM 575 O  O   . HOH E 3 .  ? -9.217  -5.977  -6.109  0.50 14.10 ? 106 HOH A O   1 
HETATM 576 O  O   . HOH E 3 .  ? -5.306  -5.923  -4.617  0.50 7.45  ? 107 HOH A O   1 
HETATM 577 O  O   . HOH E 3 .  ? -6.403  0.340   17.975  1.00 5.94  ? 108 HOH A O   1 
HETATM 578 O  O   . HOH E 3 .  ? 4.771   7.682   -9.254  1.00 20.11 ? 109 HOH A O   1 
HETATM 579 O  O   . HOH E 3 .  ? 2.534   9.846   -8.696  1.00 19.72 ? 110 HOH A O   1 
HETATM 580 O  O   . HOH E 3 .  ? -0.040  8.917   -7.582  1.00 20.08 ? 111 HOH A O   1 
HETATM 581 O  O   . HOH E 3 .  ? -1.898  -11.032 -13.481 1.00 21.79 ? 112 HOH A O   1 
HETATM 582 O  O   . HOH E 3 .  ? 14.233  -5.108  2.485   1.00 27.10 ? 113 HOH A O   1 
HETATM 583 O  O   . HOH E 3 .  ? -13.134 -1.866  0.706   1.00 22.17 ? 114 HOH A O   1 
HETATM 584 O  O   . HOH E 3 .  ? -8.741  -6.029  -0.058  1.00 23.52 ? 115 HOH A O   1 
HETATM 585 O  O   . HOH E 3 .  ? -0.849  -0.560  -8.549  1.00 25.87 ? 116 HOH A O   1 
HETATM 586 O  O   . HOH E 3 .  ? -11.277 -7.217  10.015  1.00 24.02 ? 117 HOH A O   1 
HETATM 587 O  O   . HOH E 3 .  ? -10.421 3.306   -6.693  1.00 25.46 ? 118 HOH A O   1 
HETATM 588 O  O   . HOH E 3 .  ? -7.131  7.589   11.375  1.00 23.17 ? 119 HOH A O   1 
HETATM 589 O  O   . HOH E 3 .  ? -5.001  -13.111 10.457  1.00 21.78 ? 120 HOH A O   1 
HETATM 590 O  O   . HOH E 3 .  ? -3.980  -9.149  -7.999  1.00 21.52 ? 121 HOH A O   1 
HETATM 591 O  O   . HOH E 3 .  ? -2.227  -10.052 0.605   1.00 25.21 ? 122 HOH A O   1 
HETATM 592 O  O   . HOH E 3 .  ? -2.459  -1.805  -9.999  1.00 27.36 ? 123 HOH A O   1 
HETATM 593 O  O   . HOH E 3 .  ? -3.823  -7.878  -5.604  1.00 24.50 ? 124 HOH A O   1 
HETATM 594 O  O   . HOH E 3 .  ? -1.138  -8.781  -1.711  1.00 22.50 ? 125 HOH A O   1 
HETATM 595 O  O   . HOH E 3 .  ? -6.100  -7.488  -1.921  1.00 32.10 ? 126 HOH A O   1 
HETATM 596 O  O   . HOH E 3 .  ? -10.383 -10.734 1.477   1.00 32.76 ? 127 HOH A O   1 
HETATM 597 O  O   . HOH E 3 .  ? 4.015   4.934   5.290   1.00 23.44 ? 128 HOH A O   1 
HETATM 598 O  O   . HOH E 3 .  ? -1.652  11.366  -8.252  1.00 31.04 ? 129 HOH A O   1 
HETATM 599 O  O   . HOH E 3 .  ? -13.282 2.716   2.596   1.00 30.69 ? 130 HOH A O   1 
HETATM 600 O  O   . HOH E 3 .  ? 14.886  0.650   -1.921  1.00 30.55 ? 131 HOH A O   1 
# 
